data_8IEK
#
_entry.id   8IEK
#
_cell.length_a   1.00
_cell.length_b   1.00
_cell.length_c   1.00
_cell.angle_alpha   90.00
_cell.angle_beta   90.00
_cell.angle_gamma   90.00
#
_symmetry.space_group_name_H-M   'P 1'
#
loop_
_entity.id
_entity.type
_entity.pdbx_description
1 polymer 'Polyamine-transporting ATPase 13A2'
2 non-polymer "ADENOSINE-5'-TRIPHOSPHATE"
3 non-polymer 'MAGNESIUM ION'
#
_entity_poly.entity_id   1
_entity_poly.type   'polypeptide(L)'
_entity_poly.pdbx_seq_one_letter_code
;MSADSSPLVGSTPTGYGTLTIGTSIDPLSSSVSSVRLSGYCGSPWRVIGYHVVVWMMAGIPLLLFRWKPLWGVRLRLRPC
NLAHAETLVIEIRDKEDSSWQLFTVQVQTEAIGEGSLEPSPQSQAEDGRSQAAVGAVPEGAWKDTAQLHKSEEAVSVGQK
RVLRYYLFQGQRYIWIETQQAFYQVSLLDHGRSCDDVHRSRHGLSLQDQMVRKAIYGPNVISIPVKSYPQLLVDEALNPY
YGFQAFSIALWLADHYYWYALCIFLISSISICLSLYKTRKQSQTLRDMVKLSMRVCVCRPGGEEEWVDSSELVPGDCLVL
PQEGGLMPCDAALVAGECMVNESSLTGESIPVLKTALPEGLGPYCAETHRRHTLFCGTLILQARAYVGPHVLAVVTRTGF
CTAKGGLVSSILHPRPINFKFYKHSMKFVAALSVLALLGTIYSIFILYRNRVPLNEIVIRALDLVTVVVPPALPAAMTVC
TLYAQSRLRRQGIFCIHPLRINLGGKLQLVCFDKTGTLTEDGLDVMGVVPLKGQAFLPLVPEPRRLPVGPLLRALATCHA
LSRLQDTPVGDPMDLKMVESTGWVLEEEPAADSAFGTQVLAVMRPPLWEPQLQAMEEPPVPVSVLHRFPFSSALQRMSVV
VAWPGATQPEAYVKGSPELVAGLCNPETVPTDFAQMLQSYTAAGYRVVALASKPLPTVPSLEAAQQLTRDTVEGDLSLLG
LLVMRNLLKPQTTPVIQALRRTRIRAVMVTGDNLQTAVTVARGCGMVAPQEHLIIVHATHPERGQPASLEFLPMESPTAV
NGVKDPDQAASYTVEPDPRSRHLALSGPTFGIIVKHFPKLLPKVLVQGTVFARMAPEQKTELVCELQKLQYCVGMCGDGA
NDCGALKAADVGISLSQAEASVVSPFTSSMASIECVPMVIREGRCSLDTSFSVFKYMALYSLTQFISVLILYTINTNLGD
LQFLAIDLVITTTVAVLMSRTGPALVLGRVRPPGALLSVPVLSSLLLQMVLVTGVQLGGYFLTLAQPWFVPLNRTVAAPD
NLPNYENTVVFSLSSFQYLILAAAVSKGAPFRRPLYTNVPFLVALALLSSVLVGLVLVPGLLQGPLALRNITDTGFKLLL
LGLVTLNFVGAFMLESVLDQCLPACLRRLRPKRASKKRFKQLERELAEQPWPPLPAGPLR
;
_entity_poly.pdbx_strand_id   P
#
loop_
_chem_comp.id
_chem_comp.type
_chem_comp.name
_chem_comp.formula
ATP non-polymer ADENOSINE-5'-TRIPHOSPHATE 'C10 H16 N5 O13 P3'
MG non-polymer 'MAGNESIUM ION' 'Mg 2'
#
# COMPACT_ATOMS: atom_id res chain seq x y z
N ARG A 36 -15.22 -5.67 -12.01
CA ARG A 36 -16.32 -4.65 -11.95
C ARG A 36 -17.37 -4.94 -13.01
N LEU A 37 -18.64 -4.77 -12.65
CA LEU A 37 -19.76 -5.06 -13.52
C LEU A 37 -20.48 -3.75 -13.87
N SER A 38 -20.73 -3.55 -15.16
CA SER A 38 -21.42 -2.36 -15.61
C SER A 38 -21.79 -2.52 -17.08
N GLY A 39 -23.03 -2.13 -17.41
CA GLY A 39 -23.44 -2.05 -18.79
C GLY A 39 -22.92 -0.79 -19.45
N TYR A 40 -23.19 -0.66 -20.75
CA TYR A 40 -22.66 0.46 -21.51
C TYR A 40 -23.68 0.91 -22.55
N CYS A 41 -23.52 2.17 -22.97
CA CYS A 41 -24.37 2.76 -24.00
C CYS A 41 -23.56 3.82 -24.73
N GLY A 42 -24.00 4.16 -25.94
CA GLY A 42 -23.28 5.14 -26.74
C GLY A 42 -24.12 5.65 -27.88
N SER A 43 -23.60 6.68 -28.53
CA SER A 43 -24.25 7.32 -29.66
C SER A 43 -23.29 8.34 -30.26
N PRO A 44 -23.48 8.72 -31.53
CA PRO A 44 -22.61 9.73 -32.14
C PRO A 44 -22.91 11.12 -31.63
N TRP A 45 -22.08 12.07 -32.07
CA TRP A 45 -22.28 13.46 -31.70
C TRP A 45 -23.60 13.99 -32.25
N ARG A 46 -24.13 15.02 -31.60
CA ARG A 46 -25.27 15.73 -32.14
C ARG A 46 -24.87 16.44 -33.43
N VAL A 47 -25.74 16.37 -34.43
CA VAL A 47 -25.43 16.98 -35.72
C VAL A 47 -25.18 18.47 -35.53
N ILE A 48 -24.21 19.00 -36.26
CA ILE A 48 -23.81 20.40 -36.16
C ILE A 48 -25.05 21.27 -36.22
N GLY A 49 -25.25 22.10 -35.19
CA GLY A 49 -26.43 22.92 -35.11
C GLY A 49 -26.56 23.71 -33.82
N TYR A 50 -27.74 23.65 -33.20
CA TYR A 50 -28.02 24.50 -32.06
C TYR A 50 -27.15 24.17 -30.85
N HIS A 51 -26.71 22.92 -30.72
CA HIS A 51 -25.97 22.53 -29.53
C HIS A 51 -24.66 23.31 -29.42
N VAL A 52 -23.93 23.45 -30.54
CA VAL A 52 -22.67 24.16 -30.49
C VAL A 52 -22.87 25.57 -29.97
N VAL A 53 -23.87 26.27 -30.51
CA VAL A 53 -24.09 27.65 -30.09
C VAL A 53 -24.57 27.73 -28.64
N VAL A 54 -25.39 26.78 -28.20
CA VAL A 54 -25.91 26.88 -26.83
C VAL A 54 -24.81 26.62 -25.80
N TRP A 55 -23.98 25.58 -25.99
CA TRP A 55 -22.90 25.44 -25.02
C TRP A 55 -21.67 26.26 -25.38
N MET A 56 -21.75 27.11 -26.40
CA MET A 56 -20.80 28.22 -26.49
C MET A 56 -20.93 29.13 -25.29
N MET A 57 -22.17 29.39 -24.86
CA MET A 57 -22.44 30.20 -23.67
C MET A 57 -22.55 29.36 -22.42
N ALA A 58 -23.07 28.13 -22.52
CA ALA A 58 -23.27 27.30 -21.34
C ALA A 58 -21.98 26.58 -20.95
N GLY A 59 -20.89 27.33 -20.81
CA GLY A 59 -19.68 26.80 -20.20
C GLY A 59 -19.56 27.07 -18.72
N ILE A 60 -20.37 28.01 -18.22
CA ILE A 60 -20.37 28.28 -16.78
C ILE A 60 -20.73 27.04 -15.98
N PRO A 61 -21.73 26.23 -16.36
CA PRO A 61 -22.14 25.09 -15.52
C PRO A 61 -21.10 23.98 -15.45
N LEU A 62 -19.91 24.18 -16.04
CA LEU A 62 -18.87 23.17 -15.97
C LEU A 62 -18.59 22.77 -14.53
N LEU A 63 -18.43 23.76 -13.65
CA LEU A 63 -18.23 23.46 -12.23
C LEU A 63 -19.48 22.83 -11.62
N LEU A 64 -20.66 23.27 -12.06
CA LEU A 64 -21.90 22.68 -11.54
C LEU A 64 -22.00 21.21 -11.90
N PHE A 65 -21.61 20.85 -13.13
CA PHE A 65 -21.75 19.48 -13.60
C PHE A 65 -20.68 18.54 -13.04
N ARG A 66 -19.67 19.07 -12.33
CA ARG A 66 -18.73 18.21 -11.64
C ARG A 66 -19.44 17.32 -10.61
N TRP A 67 -20.62 17.73 -10.16
CA TRP A 67 -21.48 16.92 -9.31
C TRP A 67 -22.71 16.52 -10.12
N LYS A 68 -23.02 15.22 -10.13
CA LYS A 68 -24.08 14.69 -10.98
C LYS A 68 -23.75 14.98 -12.44
N PRO A 69 -22.67 14.42 -12.97
CA PRO A 69 -22.25 14.75 -14.34
C PRO A 69 -23.05 14.04 -15.43
N LEU A 70 -23.92 13.08 -15.08
CA LEU A 70 -24.63 12.33 -16.11
C LEU A 70 -25.54 13.25 -16.92
N TRP A 71 -26.23 14.18 -16.26
CA TRP A 71 -27.12 15.08 -16.98
C TRP A 71 -26.34 16.04 -17.86
N GLY A 72 -25.17 16.49 -17.40
CA GLY A 72 -24.34 17.37 -18.20
C GLY A 72 -23.83 16.75 -19.47
N VAL A 73 -23.69 15.43 -19.51
CA VAL A 73 -23.22 14.73 -20.71
C VAL A 73 -24.42 14.32 -21.54
N ARG A 74 -25.56 14.07 -20.89
CA ARG A 74 -26.79 13.84 -21.64
C ARG A 74 -27.15 15.08 -22.46
N LEU A 75 -27.01 16.26 -21.87
CA LEU A 75 -27.11 17.49 -22.64
C LEU A 75 -25.86 17.66 -23.51
N ARG A 76 -25.94 18.61 -24.43
CA ARG A 76 -24.80 18.96 -25.28
C ARG A 76 -24.40 17.82 -26.21
N LEU A 77 -23.87 16.74 -25.65
CA LEU A 77 -23.14 15.74 -26.44
C LEU A 77 -24.01 14.58 -26.90
N ARG A 78 -24.73 13.95 -25.98
CA ARG A 78 -25.25 12.60 -26.20
C ARG A 78 -26.69 12.63 -26.71
N PRO A 79 -26.95 12.25 -27.97
CA PRO A 79 -28.32 11.86 -28.35
C PRO A 79 -28.52 10.35 -28.20
N CYS A 80 -29.72 9.87 -28.52
CA CYS A 80 -29.98 8.44 -28.50
C CYS A 80 -29.66 7.81 -29.87
N ASN A 81 -29.15 6.59 -29.83
CA ASN A 81 -28.76 5.90 -31.06
C ASN A 81 -28.75 4.40 -30.80
N LEU A 82 -28.82 3.63 -31.89
CA LEU A 82 -28.73 2.19 -31.80
C LEU A 82 -27.34 1.77 -31.33
N ALA A 83 -27.26 0.61 -30.70
CA ALA A 83 -26.01 0.13 -30.11
C ALA A 83 -25.16 -0.63 -31.14
N HIS A 84 -25.01 -0.06 -32.34
CA HIS A 84 -24.10 -0.62 -33.34
C HIS A 84 -23.25 0.42 -34.05
N ALA A 85 -23.56 1.72 -33.94
CA ALA A 85 -22.81 2.77 -34.61
C ALA A 85 -22.39 3.87 -33.64
N GLU A 86 -22.10 3.49 -32.40
CA GLU A 86 -21.76 4.47 -31.37
C GLU A 86 -20.34 5.00 -31.57
N THR A 87 -20.17 6.30 -31.30
CA THR A 87 -18.86 6.93 -31.23
C THR A 87 -18.49 7.31 -29.81
N LEU A 88 -19.34 8.08 -29.13
CA LEU A 88 -19.21 8.32 -27.71
C LEU A 88 -19.88 7.20 -26.94
N VAL A 89 -19.14 6.60 -26.01
CA VAL A 89 -19.58 5.41 -25.29
C VAL A 89 -19.52 5.68 -23.80
N ILE A 90 -20.62 5.43 -23.10
CA ILE A 90 -20.73 5.70 -21.67
C ILE A 90 -21.26 4.45 -20.98
N GLU A 91 -20.95 4.33 -19.69
CA GLU A 91 -21.30 3.16 -18.90
C GLU A 91 -22.62 3.37 -18.17
N ILE A 92 -23.32 2.25 -17.94
CA ILE A 92 -24.51 2.21 -17.09
C ILE A 92 -24.27 1.13 -16.04
N ARG A 93 -24.61 1.43 -14.79
CA ARG A 93 -24.17 0.61 -13.67
C ARG A 93 -24.89 -0.73 -13.62
N ASP A 94 -24.15 -1.77 -13.28
CA ASP A 94 -24.68 -3.03 -12.78
C ASP A 94 -24.29 -3.27 -11.32
N LYS A 95 -23.04 -3.00 -10.98
CA LYS A 95 -22.58 -2.93 -9.59
C LYS A 95 -21.75 -1.69 -9.31
N GLU A 96 -21.23 -1.01 -10.33
CA GLU A 96 -20.43 0.19 -10.14
C GLU A 96 -21.30 1.36 -9.70
N ASP A 97 -20.67 2.34 -9.05
CA ASP A 97 -21.32 3.57 -8.65
C ASP A 97 -20.80 4.81 -9.36
N SER A 98 -19.60 4.76 -9.93
CA SER A 98 -19.03 5.90 -10.64
C SER A 98 -19.55 5.91 -12.08
N SER A 99 -18.97 6.76 -12.92
CA SER A 99 -19.38 6.86 -14.31
C SER A 99 -18.22 7.37 -15.14
N TRP A 100 -18.17 6.95 -16.41
CA TRP A 100 -17.13 7.37 -17.32
C TRP A 100 -17.67 7.36 -18.75
N GLN A 101 -17.01 8.11 -19.61
CA GLN A 101 -17.31 8.13 -21.03
C GLN A 101 -16.06 7.76 -21.83
N LEU A 102 -16.28 7.06 -22.95
CA LEU A 102 -15.18 6.50 -23.74
C LEU A 102 -15.34 6.91 -25.20
N PHE A 103 -14.23 6.80 -25.93
CA PHE A 103 -14.17 7.13 -27.35
C PHE A 103 -13.96 5.87 -28.16
N THR A 104 -14.71 5.72 -29.25
CA THR A 104 -14.61 4.57 -30.13
C THR A 104 -13.71 4.89 -31.32
N VAL A 105 -12.89 3.91 -31.70
CA VAL A 105 -11.93 4.08 -32.80
C VAL A 105 -12.05 2.88 -33.73
N GLN A 106 -11.70 3.10 -34.99
CA GLN A 106 -11.69 2.06 -36.01
C GLN A 106 -10.39 2.13 -36.78
N VAL A 107 -9.86 0.97 -37.16
CA VAL A 107 -8.59 0.85 -37.86
C VAL A 107 -8.78 -0.13 -39.02
N GLN A 108 -7.68 -0.40 -39.73
CA GLN A 108 -7.71 -1.28 -40.89
C GLN A 108 -8.45 -0.62 -42.04
N ARG A 161 -13.52 -5.63 -42.65
CA ARG A 161 -13.80 -5.33 -41.26
C ARG A 161 -12.96 -4.15 -40.79
N VAL A 162 -13.61 -3.15 -40.19
CA VAL A 162 -12.94 -1.94 -39.72
C VAL A 162 -12.50 -2.05 -38.28
N LEU A 163 -12.86 -3.12 -37.58
CA LEU A 163 -12.36 -3.42 -36.24
C LEU A 163 -12.66 -2.26 -35.28
N ARG A 164 -13.95 -2.04 -35.06
CA ARG A 164 -14.37 -1.07 -34.05
C ARG A 164 -13.88 -1.52 -32.68
N TYR A 165 -13.30 -0.59 -31.92
CA TYR A 165 -12.70 -0.94 -30.64
C TYR A 165 -12.63 0.30 -29.76
N TYR A 166 -12.44 0.05 -28.47
CA TYR A 166 -12.25 1.11 -27.48
C TYR A 166 -11.44 0.56 -26.32
N LEU A 167 -10.70 1.44 -25.65
CA LEU A 167 -9.86 1.08 -24.52
C LEU A 167 -10.41 1.70 -23.25
N PHE A 168 -10.58 0.88 -22.21
CA PHE A 168 -11.02 1.35 -20.90
C PHE A 168 -10.07 0.79 -19.84
N GLN A 169 -9.46 1.67 -19.06
CA GLN A 169 -8.54 1.28 -17.99
C GLN A 169 -7.40 0.42 -18.53
N GLY A 170 -6.98 0.67 -19.78
CA GLY A 170 -5.90 -0.07 -20.39
C GLY A 170 -6.30 -1.41 -20.97
N GLN A 171 -7.57 -1.79 -20.89
CA GLN A 171 -8.06 -3.05 -21.44
C GLN A 171 -8.79 -2.79 -22.75
N ARG A 172 -8.36 -3.46 -23.80
CA ARG A 172 -8.96 -3.28 -25.11
C ARG A 172 -10.27 -4.07 -25.22
N TYR A 173 -11.22 -3.49 -25.97
CA TYR A 173 -12.48 -4.15 -26.27
C TYR A 173 -12.72 -4.04 -27.77
N ILE A 174 -13.13 -5.15 -28.38
CA ILE A 174 -13.27 -5.26 -29.83
C ILE A 174 -14.68 -5.72 -30.16
N TRP A 175 -15.30 -5.05 -31.12
CA TRP A 175 -16.63 -5.42 -31.59
C TRP A 175 -16.54 -6.70 -32.44
N ILE A 176 -17.40 -7.66 -32.15
CA ILE A 176 -17.46 -8.93 -32.87
C ILE A 176 -18.84 -9.05 -33.50
N GLU A 177 -18.87 -9.28 -34.81
CA GLU A 177 -20.14 -9.29 -35.53
C GLU A 177 -21.05 -10.41 -35.06
N THR A 178 -20.48 -11.59 -34.81
CA THR A 178 -21.31 -12.76 -34.48
C THR A 178 -22.07 -12.54 -33.18
N GLN A 179 -21.52 -11.77 -32.23
CA GLN A 179 -22.17 -11.55 -30.95
C GLN A 179 -22.89 -10.20 -30.87
N GLN A 180 -22.61 -9.28 -31.78
CA GLN A 180 -23.25 -7.96 -31.78
C GLN A 180 -23.06 -7.26 -30.45
N ALA A 181 -21.86 -7.39 -29.88
CA ALA A 181 -21.56 -6.75 -28.61
C ALA A 181 -20.05 -6.59 -28.47
N PHE A 182 -19.65 -5.66 -27.62
CA PHE A 182 -18.23 -5.44 -27.35
C PHE A 182 -17.69 -6.57 -26.47
N TYR A 183 -16.52 -7.07 -26.83
CA TYR A 183 -15.89 -8.19 -26.12
C TYR A 183 -14.47 -7.80 -25.75
N GLN A 184 -14.09 -8.07 -24.51
CA GLN A 184 -12.73 -7.82 -24.06
C GLN A 184 -11.76 -8.73 -24.81
N VAL A 185 -10.49 -8.33 -24.83
CA VAL A 185 -9.47 -9.04 -25.62
C VAL A 185 -8.96 -10.16 -24.71
N SER A 186 -9.73 -11.26 -24.69
CA SER A 186 -9.30 -12.49 -24.03
C SER A 186 -9.68 -13.73 -24.82
N LEU A 187 -10.13 -13.56 -26.06
CA LEU A 187 -10.52 -14.71 -26.87
C LEU A 187 -9.33 -15.62 -27.14
N LEU A 188 -9.61 -16.90 -27.29
CA LEU A 188 -8.62 -17.98 -27.49
C LEU A 188 -7.86 -18.30 -26.21
N ASP A 189 -8.17 -17.64 -25.10
CA ASP A 189 -7.52 -17.86 -23.81
C ASP A 189 -8.58 -18.16 -22.76
N HIS A 190 -8.12 -18.48 -21.55
CA HIS A 190 -9.00 -18.75 -20.41
C HIS A 190 -9.77 -20.06 -20.61
N GLY A 191 -9.06 -21.10 -21.01
CA GLY A 191 -9.58 -22.45 -21.00
C GLY A 191 -10.33 -22.90 -22.24
N ARG A 192 -10.38 -22.09 -23.30
CA ARG A 192 -11.05 -22.46 -24.53
C ARG A 192 -10.10 -22.98 -25.59
N SER A 193 -8.83 -23.21 -25.23
CA SER A 193 -7.87 -23.82 -26.13
C SER A 193 -7.08 -24.87 -25.36
N CYS A 194 -6.82 -26.00 -26.01
CA CYS A 194 -6.24 -27.17 -25.38
C CYS A 194 -4.74 -27.22 -25.61
N ASP A 195 -4.10 -28.18 -24.96
CA ASP A 195 -2.64 -28.32 -25.03
C ASP A 195 -2.16 -28.86 -26.36
N ASP A 196 -3.06 -29.41 -27.19
CA ASP A 196 -2.64 -29.96 -28.48
C ASP A 196 -2.39 -28.86 -29.50
N VAL A 197 -3.43 -28.06 -29.79
CA VAL A 197 -3.27 -26.95 -30.72
C VAL A 197 -2.22 -25.97 -30.20
N HIS A 198 -2.22 -25.75 -28.88
CA HIS A 198 -1.17 -24.93 -28.27
C HIS A 198 0.19 -25.55 -28.55
N ARG A 199 0.29 -26.87 -28.37
CA ARG A 199 1.58 -27.55 -28.57
C ARG A 199 2.09 -27.34 -29.98
N SER A 200 1.21 -27.41 -30.98
CA SER A 200 1.74 -27.26 -32.33
C SER A 200 2.05 -25.80 -32.62
N ARG A 201 1.01 -24.97 -32.83
CA ARG A 201 1.10 -23.51 -32.72
C ARG A 201 2.48 -22.97 -33.04
N HIS A 202 3.05 -23.37 -34.18
CA HIS A 202 4.47 -23.15 -34.44
C HIS A 202 4.66 -22.08 -35.50
N GLY A 203 5.49 -21.09 -35.19
CA GLY A 203 5.88 -20.08 -36.15
C GLY A 203 4.81 -19.10 -36.53
N LEU A 204 3.64 -19.15 -35.88
CA LEU A 204 2.53 -18.29 -36.26
C LEU A 204 2.25 -18.43 -37.75
N SER A 205 2.71 -17.49 -38.57
CA SER A 205 2.56 -17.57 -40.01
C SER A 205 3.30 -16.41 -40.65
N LEU A 206 3.69 -16.57 -41.90
CA LEU A 206 4.27 -15.50 -42.71
C LEU A 206 3.14 -14.65 -43.31
N GLN A 207 2.30 -14.14 -42.42
CA GLN A 207 1.06 -13.47 -42.78
C GLN A 207 1.23 -11.95 -42.78
N ASP A 208 0.18 -11.27 -43.23
CA ASP A 208 0.12 -9.82 -43.13
C ASP A 208 -0.01 -9.40 -41.67
N GLN A 209 0.53 -8.21 -41.37
CA GLN A 209 0.62 -7.74 -39.98
C GLN A 209 -0.70 -7.21 -39.44
N MET A 210 -1.70 -7.00 -40.28
CA MET A 210 -2.90 -6.30 -39.84
C MET A 210 -3.68 -7.10 -38.79
N VAL A 211 -3.86 -8.41 -39.03
CA VAL A 211 -4.85 -9.16 -38.26
C VAL A 211 -4.43 -9.27 -36.79
N ARG A 212 -3.18 -9.62 -36.53
CA ARG A 212 -2.75 -9.85 -35.15
C ARG A 212 -2.35 -8.56 -34.44
N LYS A 213 -1.57 -7.72 -35.10
CA LYS A 213 -1.05 -6.53 -34.43
C LYS A 213 -2.17 -5.57 -34.06
N ALA A 214 -3.15 -5.39 -34.95
CA ALA A 214 -4.22 -4.43 -34.69
C ALA A 214 -5.08 -4.85 -33.51
N ILE A 215 -5.45 -6.13 -33.43
CA ILE A 215 -6.36 -6.58 -32.39
C ILE A 215 -5.71 -6.43 -31.02
N TYR A 216 -4.48 -6.91 -30.87
CA TYR A 216 -3.80 -6.88 -29.58
C TYR A 216 -2.96 -5.63 -29.38
N GLY A 217 -2.56 -4.95 -30.44
CA GLY A 217 -1.78 -3.74 -30.34
C GLY A 217 -0.33 -4.03 -30.03
N PRO A 218 0.48 -2.97 -29.92
CA PRO A 218 1.90 -3.17 -29.62
C PRO A 218 2.09 -3.77 -28.23
N ASN A 219 3.15 -4.55 -28.09
CA ASN A 219 3.48 -5.22 -26.82
C ASN A 219 4.33 -4.28 -25.98
N VAL A 220 3.65 -3.44 -25.19
CA VAL A 220 4.33 -2.53 -24.28
C VAL A 220 3.34 -2.01 -23.25
N ILE A 221 3.76 -1.91 -21.99
CA ILE A 221 2.94 -1.34 -20.93
C ILE A 221 3.26 0.16 -20.92
N SER A 222 2.47 0.92 -21.67
CA SER A 222 2.74 2.33 -21.90
C SER A 222 2.19 3.16 -20.75
N ILE A 223 3.07 3.70 -19.93
CA ILE A 223 2.69 4.66 -18.89
C ILE A 223 2.78 6.05 -19.50
N PRO A 224 1.67 6.79 -19.59
CA PRO A 224 1.69 8.05 -20.34
C PRO A 224 2.55 9.11 -19.66
N VAL A 225 3.07 10.01 -20.48
CA VAL A 225 3.82 11.18 -20.01
C VAL A 225 3.16 12.42 -20.59
N LYS A 226 3.27 13.52 -19.85
CA LYS A 226 2.59 14.76 -20.20
C LYS A 226 3.57 15.92 -20.15
N SER A 227 3.35 16.89 -21.04
CA SER A 227 4.12 18.12 -21.03
C SER A 227 3.64 19.04 -19.92
N TYR A 228 4.49 20.00 -19.57
CA TYR A 228 4.15 20.93 -18.48
C TYR A 228 2.84 21.67 -18.74
N PRO A 229 2.62 22.28 -19.92
CA PRO A 229 1.30 22.91 -20.15
C PRO A 229 0.15 21.92 -20.09
N GLN A 230 0.36 20.69 -20.57
CA GLN A 230 -0.69 19.68 -20.51
C GLN A 230 -0.94 19.23 -19.08
N LEU A 231 0.13 19.15 -18.28
CA LEU A 231 -0.03 18.67 -16.91
C LEU A 231 -0.66 19.71 -16.00
N LEU A 232 -0.27 20.98 -16.16
CA LEU A 232 -0.69 22.00 -15.19
C LEU A 232 -2.19 22.25 -15.24
N VAL A 233 -2.80 22.15 -16.42
CA VAL A 233 -4.21 22.48 -16.56
C VAL A 233 -5.09 21.55 -15.73
N ASP A 234 -4.59 20.36 -15.39
CA ASP A 234 -5.41 19.39 -14.66
C ASP A 234 -5.66 19.81 -13.21
N GLU A 235 -4.78 20.60 -12.61
CA GLU A 235 -4.94 21.04 -11.24
C GLU A 235 -5.15 22.54 -11.09
N ALA A 236 -4.73 23.34 -12.07
CA ALA A 236 -4.92 24.78 -12.00
C ALA A 236 -6.37 25.21 -12.18
N LEU A 237 -7.25 24.29 -12.60
CA LEU A 237 -8.65 24.60 -12.85
C LEU A 237 -9.53 24.27 -11.66
N ASN A 238 -8.96 23.92 -10.52
CA ASN A 238 -9.76 23.57 -9.35
C ASN A 238 -10.51 24.80 -8.85
N PRO A 239 -11.67 24.60 -8.21
CA PRO A 239 -12.45 25.76 -7.74
C PRO A 239 -11.71 26.62 -6.74
N TYR A 240 -10.82 26.03 -5.93
CA TYR A 240 -10.07 26.82 -4.97
C TYR A 240 -9.20 27.85 -5.67
N TYR A 241 -8.51 27.46 -6.75
CA TYR A 241 -7.67 28.40 -7.47
C TYR A 241 -8.50 29.41 -8.25
N GLY A 242 -9.69 29.01 -8.71
CA GLY A 242 -10.60 29.98 -9.30
C GLY A 242 -11.02 31.05 -8.30
N PHE A 243 -11.33 30.64 -7.07
CA PHE A 243 -11.66 31.61 -6.02
C PHE A 243 -10.45 32.48 -5.70
N GLN A 244 -9.25 31.90 -5.72
CA GLN A 244 -8.05 32.70 -5.50
C GLN A 244 -7.87 33.75 -6.59
N ALA A 245 -8.15 33.37 -7.85
CA ALA A 245 -8.10 34.34 -8.94
C ALA A 245 -9.16 35.42 -8.77
N PHE A 246 -10.36 35.04 -8.31
CA PHE A 246 -11.38 36.04 -8.03
C PHE A 246 -10.89 37.02 -6.96
N SER A 247 -10.22 36.50 -5.92
CA SER A 247 -9.68 37.36 -4.88
C SER A 247 -8.61 38.30 -5.45
N ILE A 248 -7.72 37.77 -6.30
CA ILE A 248 -6.67 38.62 -6.87
C ILE A 248 -7.30 39.73 -7.71
N ALA A 249 -8.38 39.41 -8.43
CA ALA A 249 -9.08 40.44 -9.18
C ALA A 249 -9.71 41.47 -8.25
N LEU A 250 -10.28 41.02 -7.14
CA LEU A 250 -10.94 41.93 -6.21
C LEU A 250 -9.94 42.91 -5.60
N TRP A 251 -8.82 42.39 -5.09
CA TRP A 251 -7.84 43.26 -4.44
C TRP A 251 -7.22 44.24 -5.43
N LEU A 252 -6.99 43.81 -6.66
CA LEU A 252 -6.42 44.71 -7.66
C LEU A 252 -7.36 45.89 -7.92
N ALA A 253 -8.67 45.62 -7.99
CA ALA A 253 -9.63 46.70 -8.18
C ALA A 253 -9.57 47.70 -7.03
N ASP A 254 -9.16 47.26 -5.85
CA ASP A 254 -9.05 48.14 -4.68
C ASP A 254 -7.66 48.75 -4.55
N HIS A 255 -6.79 48.56 -5.54
CA HIS A 255 -5.44 49.11 -5.56
C HIS A 255 -4.52 48.48 -4.52
N TYR A 256 -4.88 47.30 -4.01
CA TYR A 256 -4.02 46.55 -3.10
C TYR A 256 -3.06 45.68 -3.91
N TYR A 257 -2.11 46.36 -4.57
CA TYR A 257 -1.22 45.67 -5.50
C TYR A 257 -0.37 44.62 -4.80
N TRP A 258 0.19 44.96 -3.64
CA TRP A 258 1.15 44.07 -2.99
C TRP A 258 0.49 42.76 -2.56
N TYR A 259 -0.70 42.82 -1.97
CA TYR A 259 -1.35 41.62 -1.48
C TYR A 259 -1.68 40.66 -2.63
N ALA A 260 -2.13 41.21 -3.76
CA ALA A 260 -2.43 40.38 -4.91
C ALA A 260 -1.18 39.62 -5.38
N LEU A 261 -0.03 40.28 -5.35
CA LEU A 261 1.21 39.61 -5.72
C LEU A 261 1.52 38.46 -4.76
N CYS A 262 1.29 38.67 -3.46
CA CYS A 262 1.51 37.61 -2.48
C CYS A 262 0.59 36.43 -2.75
N ILE A 263 -0.67 36.70 -3.05
CA ILE A 263 -1.62 35.62 -3.34
C ILE A 263 -1.18 34.86 -4.59
N PHE A 264 -0.75 35.59 -5.62
CA PHE A 264 -0.28 34.93 -6.83
C PHE A 264 0.93 34.05 -6.55
N LEU A 265 1.88 34.55 -5.77
CA LEU A 265 3.07 33.78 -5.45
C LEU A 265 2.71 32.52 -4.68
N ILE A 266 1.80 32.63 -3.71
CA ILE A 266 1.42 31.46 -2.92
C ILE A 266 0.71 30.44 -3.80
N SER A 267 -0.17 30.89 -4.68
CA SER A 267 -0.85 29.97 -5.59
C SER A 267 0.14 29.28 -6.51
N SER A 268 1.13 30.03 -7.01
CA SER A 268 2.15 29.43 -7.87
C SER A 268 2.95 28.39 -7.10
N ILE A 269 3.29 28.67 -5.84
CA ILE A 269 4.03 27.71 -5.03
C ILE A 269 3.22 26.44 -4.84
N SER A 270 1.92 26.58 -4.53
CA SER A 270 1.07 25.42 -4.36
C SER A 270 1.00 24.60 -5.64
N ILE A 271 0.82 25.27 -6.77
CA ILE A 271 0.75 24.57 -8.05
C ILE A 271 2.06 23.83 -8.32
N CYS A 272 3.19 24.49 -8.05
CA CYS A 272 4.48 23.85 -8.27
C CYS A 272 4.65 22.61 -7.39
N LEU A 273 4.25 22.70 -6.12
CA LEU A 273 4.37 21.55 -5.23
C LEU A 273 3.54 20.38 -5.74
N SER A 274 2.27 20.65 -6.09
CA SER A 274 1.40 19.58 -6.56
C SER A 274 1.93 18.97 -7.86
N LEU A 275 2.37 19.83 -8.80
CA LEU A 275 2.90 19.34 -10.06
C LEU A 275 4.14 18.50 -9.85
N TYR A 276 5.03 18.93 -8.96
CA TYR A 276 6.23 18.16 -8.68
C TYR A 276 5.88 16.80 -8.08
N LYS A 277 4.92 16.78 -7.15
CA LYS A 277 4.51 15.50 -6.57
C LYS A 277 3.99 14.56 -7.65
N THR A 278 3.08 15.06 -8.50
CA THR A 278 2.50 14.22 -9.53
C THR A 278 3.56 13.73 -10.51
N ARG A 279 4.45 14.62 -10.94
CA ARG A 279 5.49 14.24 -11.90
C ARG A 279 6.41 13.20 -11.30
N LYS A 280 6.84 13.40 -10.05
CA LYS A 280 7.74 12.44 -9.42
C LYS A 280 7.07 11.08 -9.28
N GLN A 281 5.80 11.06 -8.87
CA GLN A 281 5.11 9.77 -8.73
C GLN A 281 4.99 9.07 -10.07
N SER A 282 4.58 9.78 -11.12
CA SER A 282 4.46 9.17 -12.43
C SER A 282 5.80 8.65 -12.91
N GLN A 283 6.87 9.42 -12.70
CA GLN A 283 8.19 9.00 -13.17
C GLN A 283 8.67 7.76 -12.43
N THR A 284 8.49 7.71 -11.11
CA THR A 284 8.95 6.54 -10.36
C THR A 284 8.17 5.31 -10.77
N LEU A 285 6.86 5.45 -10.98
CA LEU A 285 6.09 4.30 -11.44
C LEU A 285 6.52 3.87 -12.84
N ARG A 286 6.86 4.82 -13.71
CA ARG A 286 7.25 4.49 -15.07
C ARG A 286 8.52 3.65 -15.10
N ASP A 287 9.41 3.84 -14.12
CA ASP A 287 10.67 3.10 -14.11
C ASP A 287 10.44 1.60 -13.90
N MET A 288 9.41 1.24 -13.12
CA MET A 288 9.14 -0.18 -12.88
C MET A 288 8.87 -0.91 -14.19
N VAL A 289 8.22 -0.24 -15.15
CA VAL A 289 7.98 -0.84 -16.45
C VAL A 289 9.31 -1.06 -17.15
N LYS A 290 9.46 -2.23 -17.77
CA LYS A 290 10.72 -2.59 -18.41
C LYS A 290 10.93 -1.76 -19.67
N LEU A 291 12.17 -1.78 -20.17
CA LEU A 291 12.54 -1.09 -21.38
C LEU A 291 12.44 -2.05 -22.57
N SER A 292 12.75 -1.53 -23.76
CA SER A 292 12.62 -2.30 -24.98
C SER A 292 13.91 -3.07 -25.29
N MET A 293 13.77 -4.11 -26.09
CA MET A 293 14.89 -4.93 -26.55
C MET A 293 14.37 -5.81 -27.68
N ARG A 294 15.30 -6.52 -28.33
CA ARG A 294 14.98 -7.34 -29.49
C ARG A 294 15.36 -8.79 -29.21
N VAL A 295 14.53 -9.71 -29.71
CA VAL A 295 14.70 -11.15 -29.46
C VAL A 295 14.61 -11.88 -30.79
N CYS A 296 14.88 -13.18 -30.74
CA CYS A 296 14.79 -14.04 -31.90
C CYS A 296 13.39 -14.64 -31.99
N VAL A 297 12.77 -14.51 -33.17
CA VAL A 297 11.43 -15.04 -33.42
C VAL A 297 11.48 -15.85 -34.71
N CYS A 298 10.89 -17.04 -34.69
CA CYS A 298 10.92 -17.94 -35.83
C CYS A 298 9.72 -17.73 -36.74
N ARG A 299 9.83 -18.25 -37.95
CA ARG A 299 8.82 -18.14 -38.98
C ARG A 299 8.54 -19.52 -39.56
N PRO A 300 7.38 -19.71 -40.19
CA PRO A 300 7.08 -21.04 -40.75
C PRO A 300 8.11 -21.48 -41.77
N GLY A 301 8.40 -22.76 -41.76
CA GLY A 301 9.43 -23.33 -42.64
C GLY A 301 10.77 -23.49 -41.92
N GLY A 302 11.74 -22.65 -42.30
CA GLY A 302 13.04 -22.68 -41.67
C GLY A 302 13.64 -21.30 -41.50
N GLU A 303 12.82 -20.27 -41.67
CA GLU A 303 13.29 -18.90 -41.57
C GLU A 303 13.37 -18.46 -40.12
N GLU A 304 14.27 -17.51 -39.85
CA GLU A 304 14.45 -16.93 -38.53
C GLU A 304 14.47 -15.41 -38.65
N GLU A 305 14.11 -14.74 -37.56
CA GLU A 305 14.03 -13.30 -37.54
C GLU A 305 14.62 -12.76 -36.24
N TRP A 306 14.96 -11.47 -36.26
CA TRP A 306 15.60 -10.76 -35.17
C TRP A 306 14.82 -9.49 -34.83
N VAL A 307 13.49 -9.65 -34.71
CA VAL A 307 12.61 -8.49 -34.60
C VAL A 307 12.68 -7.89 -33.19
N ASP A 308 12.20 -6.66 -33.08
CA ASP A 308 12.11 -5.97 -31.81
C ASP A 308 10.96 -6.53 -30.97
N SER A 309 11.06 -6.33 -29.66
CA SER A 309 10.04 -6.85 -28.75
C SER A 309 8.69 -6.19 -28.97
N SER A 310 8.68 -4.95 -29.46
CA SER A 310 7.42 -4.23 -29.62
C SER A 310 6.50 -4.88 -30.66
N GLU A 311 7.04 -5.75 -31.52
CA GLU A 311 6.26 -6.39 -32.56
C GLU A 311 5.69 -7.74 -32.14
N LEU A 312 5.97 -8.19 -30.92
CA LEU A 312 5.51 -9.50 -30.48
C LEU A 312 4.00 -9.48 -30.26
N VAL A 313 3.36 -10.59 -30.63
CA VAL A 313 1.91 -10.75 -30.44
C VAL A 313 1.63 -12.17 -29.96
N PRO A 314 0.46 -12.38 -29.35
CA PRO A 314 0.12 -13.73 -28.89
C PRO A 314 0.14 -14.72 -30.04
N GLY A 315 0.61 -15.95 -29.74
CA GLY A 315 0.73 -16.99 -30.73
C GLY A 315 2.06 -17.03 -31.44
N ASP A 316 2.91 -16.03 -31.24
CA ASP A 316 4.23 -16.00 -31.85
C ASP A 316 5.22 -16.77 -30.99
N CYS A 317 6.09 -17.53 -31.64
CA CYS A 317 7.07 -18.37 -30.96
C CYS A 317 8.44 -17.70 -31.01
N LEU A 318 9.10 -17.61 -29.86
CA LEU A 318 10.40 -16.97 -29.75
C LEU A 318 11.37 -17.92 -29.07
N VAL A 319 12.66 -17.77 -29.41
CA VAL A 319 13.72 -18.59 -28.85
C VAL A 319 14.43 -17.77 -27.78
N LEU A 320 14.62 -18.38 -26.61
CA LEU A 320 15.27 -17.67 -25.50
C LEU A 320 16.72 -17.39 -25.88
N PRO A 321 17.19 -16.14 -25.82
CA PRO A 321 18.51 -15.80 -26.37
C PRO A 321 19.63 -16.12 -25.40
N GLN A 322 20.54 -17.01 -25.82
CA GLN A 322 21.84 -17.20 -25.16
C GLN A 322 21.73 -17.26 -23.64
N GLU A 323 20.64 -17.83 -23.13
CA GLU A 323 20.40 -17.88 -21.69
C GLU A 323 20.49 -16.47 -21.11
N GLY A 324 19.81 -15.52 -21.75
CA GLY A 324 19.99 -14.12 -21.44
C GLY A 324 19.27 -13.66 -20.19
N GLY A 325 18.66 -12.48 -20.27
CA GLY A 325 18.10 -11.83 -19.09
C GLY A 325 16.59 -11.82 -19.02
N LEU A 326 16.00 -10.64 -19.22
CA LEU A 326 14.59 -10.44 -18.95
C LEU A 326 13.72 -11.13 -19.99
N MET A 327 12.49 -11.44 -19.59
CA MET A 327 11.50 -12.05 -20.48
C MET A 327 10.65 -10.95 -21.10
N PRO A 328 10.61 -10.81 -22.43
CA PRO A 328 9.82 -9.71 -23.02
C PRO A 328 8.34 -9.76 -22.64
N CYS A 329 7.75 -10.94 -22.54
CA CYS A 329 6.33 -11.05 -22.25
C CYS A 329 6.04 -12.48 -21.78
N ASP A 330 4.83 -12.66 -21.26
CA ASP A 330 4.41 -13.98 -20.79
C ASP A 330 4.41 -14.97 -21.95
N ALA A 331 4.89 -16.18 -21.69
CA ALA A 331 4.94 -17.22 -22.70
C ALA A 331 4.90 -18.58 -22.02
N ALA A 332 4.56 -19.60 -22.81
CA ALA A 332 4.49 -20.97 -22.34
C ALA A 332 5.66 -21.76 -22.92
N LEU A 333 6.36 -22.49 -22.05
CA LEU A 333 7.53 -23.26 -22.45
C LEU A 333 7.07 -24.57 -23.08
N VAL A 334 7.28 -24.72 -24.38
CA VAL A 334 6.86 -25.92 -25.09
C VAL A 334 8.01 -26.94 -25.20
N ALA A 335 9.25 -26.46 -25.32
CA ALA A 335 10.41 -27.33 -25.43
C ALA A 335 11.52 -26.80 -24.55
N GLY A 336 12.28 -27.71 -23.94
CA GLY A 336 13.39 -27.35 -23.09
C GLY A 336 12.95 -27.06 -21.66
N GLU A 337 13.96 -26.89 -20.80
CA GLU A 337 13.75 -26.58 -19.40
C GLU A 337 14.68 -25.44 -18.99
N CYS A 338 14.20 -24.61 -18.06
CA CYS A 338 14.97 -23.47 -17.61
C CYS A 338 14.43 -23.02 -16.25
N MET A 339 15.15 -22.10 -15.62
CA MET A 339 14.79 -21.55 -14.33
C MET A 339 14.88 -20.03 -14.39
N VAL A 340 14.05 -19.37 -13.58
CA VAL A 340 13.94 -17.92 -13.59
C VAL A 340 13.96 -17.40 -12.16
N ASN A 341 14.24 -16.11 -12.03
CA ASN A 341 14.20 -15.39 -10.76
C ASN A 341 12.97 -14.50 -10.78
N GLU A 342 11.96 -14.85 -9.97
CA GLU A 342 10.68 -14.16 -9.96
C GLU A 342 10.54 -13.21 -8.78
N SER A 343 11.66 -12.64 -8.32
CA SER A 343 11.59 -11.69 -7.20
C SER A 343 10.79 -10.45 -7.58
N SER A 344 10.99 -9.94 -8.81
CA SER A 344 10.30 -8.74 -9.24
C SER A 344 8.80 -8.94 -9.39
N LEU A 345 8.33 -10.17 -9.48
CA LEU A 345 6.90 -10.46 -9.64
C LEU A 345 6.28 -11.12 -8.43
N THR A 346 6.98 -12.04 -7.77
CA THR A 346 6.45 -12.75 -6.62
C THR A 346 7.04 -12.27 -5.29
N GLY A 347 8.13 -11.51 -5.33
CA GLY A 347 8.77 -11.03 -4.12
C GLY A 347 9.75 -11.99 -3.49
N GLU A 348 9.93 -13.19 -4.06
CA GLU A 348 10.87 -14.17 -3.56
C GLU A 348 12.04 -14.28 -4.53
N SER A 349 13.25 -14.20 -4.00
CA SER A 349 14.46 -14.23 -4.82
C SER A 349 14.98 -15.64 -5.07
N ILE A 350 14.35 -16.65 -4.48
CA ILE A 350 14.81 -18.04 -4.69
C ILE A 350 14.54 -18.44 -6.13
N PRO A 351 15.53 -18.98 -6.86
CA PRO A 351 15.26 -19.42 -8.23
C PRO A 351 14.17 -20.47 -8.27
N VAL A 352 13.37 -20.43 -9.34
CA VAL A 352 12.24 -21.33 -9.53
C VAL A 352 12.46 -22.11 -10.82
N LEU A 353 12.30 -23.43 -10.74
CA LEU A 353 12.48 -24.29 -11.90
C LEU A 353 11.20 -24.32 -12.74
N LYS A 354 11.38 -24.45 -14.05
CA LYS A 354 10.28 -24.56 -15.00
C LYS A 354 10.53 -25.73 -15.94
N THR A 355 9.45 -26.37 -16.37
CA THR A 355 9.52 -27.57 -17.19
C THR A 355 8.61 -27.40 -18.41
N ALA A 356 8.89 -28.22 -19.42
CA ALA A 356 8.12 -28.15 -20.66
C ALA A 356 6.66 -28.53 -20.41
N LEU A 357 5.78 -27.96 -21.22
CA LEU A 357 4.35 -28.19 -21.07
C LEU A 357 3.96 -29.56 -21.59
N PRO A 358 3.24 -30.38 -20.82
CA PRO A 358 2.75 -31.66 -21.35
C PRO A 358 1.83 -31.46 -22.53
N GLU A 359 1.83 -32.45 -23.43
CA GLU A 359 1.10 -32.37 -24.69
C GLU A 359 -0.26 -33.04 -24.57
N GLY A 360 -1.30 -32.33 -25.00
CA GLY A 360 -2.62 -32.91 -25.16
C GLY A 360 -3.29 -33.35 -23.87
N LEU A 361 -2.90 -32.76 -22.73
CA LEU A 361 -3.55 -33.13 -21.48
C LEU A 361 -4.98 -32.59 -21.41
N GLY A 362 -5.18 -31.34 -21.83
CA GLY A 362 -6.49 -30.73 -21.79
C GLY A 362 -6.40 -29.22 -21.90
N PRO A 363 -7.49 -28.53 -21.57
CA PRO A 363 -7.47 -27.06 -21.63
C PRO A 363 -6.40 -26.49 -20.72
N TYR A 364 -5.75 -25.43 -21.19
CA TYR A 364 -4.65 -24.81 -20.47
C TYR A 364 -5.14 -23.54 -19.76
N CYS A 365 -4.47 -23.22 -18.65
CA CYS A 365 -4.79 -22.03 -17.87
C CYS A 365 -3.55 -21.63 -17.08
N ALA A 366 -3.58 -20.41 -16.56
CA ALA A 366 -2.44 -19.91 -15.79
C ALA A 366 -2.14 -20.81 -14.60
N GLU A 367 -3.19 -21.31 -13.93
CA GLU A 367 -2.98 -22.17 -12.78
C GLU A 367 -2.24 -23.45 -13.17
N THR A 368 -2.65 -24.08 -14.27
CA THR A 368 -1.96 -25.27 -14.75
C THR A 368 -0.62 -24.93 -15.37
N HIS A 369 -0.46 -23.69 -15.86
CA HIS A 369 0.77 -23.26 -16.50
C HIS A 369 1.81 -22.77 -15.51
N ARG A 370 1.49 -22.75 -14.21
CA ARG A 370 2.37 -22.09 -13.24
C ARG A 370 3.78 -22.63 -13.29
N ARG A 371 3.93 -23.96 -13.43
CA ARG A 371 5.24 -24.59 -13.51
C ARG A 371 5.66 -24.91 -14.94
N HIS A 372 4.96 -24.34 -15.93
CA HIS A 372 5.35 -24.51 -17.32
C HIS A 372 5.33 -23.20 -18.11
N THR A 373 5.30 -22.05 -17.44
CA THR A 373 5.23 -20.76 -18.10
C THR A 373 6.22 -19.79 -17.47
N LEU A 374 6.61 -18.80 -18.26
CA LEU A 374 7.51 -17.73 -17.82
C LEU A 374 6.77 -16.41 -17.86
N PHE A 375 6.80 -15.68 -16.76
CA PHE A 375 6.08 -14.41 -16.64
C PHE A 375 6.97 -13.25 -17.08
N CYS A 376 6.32 -12.15 -17.47
CA CYS A 376 7.04 -10.98 -17.95
C CYS A 376 7.84 -10.34 -16.82
N GLY A 377 8.95 -9.72 -17.20
CA GLY A 377 9.79 -9.03 -16.24
C GLY A 377 10.45 -9.95 -15.23
N THR A 378 10.88 -11.14 -15.66
CA THR A 378 11.57 -12.08 -14.79
C THR A 378 12.87 -12.51 -15.46
N LEU A 379 13.96 -12.49 -14.68
CA LEU A 379 15.26 -12.86 -15.20
C LEU A 379 15.35 -14.37 -15.44
N ILE A 380 16.17 -14.75 -16.40
CA ILE A 380 16.45 -16.15 -16.72
C ILE A 380 17.89 -16.43 -16.33
N LEU A 381 18.08 -17.41 -15.45
CA LEU A 381 19.42 -17.74 -14.95
C LEU A 381 20.11 -18.78 -15.83
N GLN A 382 19.41 -19.85 -16.18
CA GLN A 382 19.99 -20.91 -17.00
C GLN A 382 18.88 -21.60 -17.78
N ALA A 383 19.16 -21.89 -19.05
CA ALA A 383 18.23 -22.61 -19.91
C ALA A 383 19.00 -23.72 -20.63
N ARG A 384 18.41 -24.91 -20.67
CA ARG A 384 19.02 -26.08 -21.27
C ARG A 384 18.12 -26.61 -22.38
N ALA A 385 18.74 -26.99 -23.50
CA ALA A 385 18.01 -27.54 -24.64
C ALA A 385 17.76 -29.02 -24.40
N TYR A 386 16.51 -29.39 -24.13
CA TYR A 386 16.17 -30.79 -23.90
C TYR A 386 16.54 -31.63 -25.12
N VAL A 387 16.08 -31.23 -26.30
CA VAL A 387 16.42 -31.88 -27.55
C VAL A 387 16.38 -30.84 -28.65
N GLY A 388 17.30 -30.96 -29.60
CA GLY A 388 17.39 -30.02 -30.70
C GLY A 388 18.26 -28.83 -30.38
N PRO A 389 18.37 -27.89 -31.32
CA PRO A 389 19.25 -26.73 -31.13
C PRO A 389 18.62 -25.53 -30.46
N HIS A 390 17.32 -25.56 -30.13
CA HIS A 390 16.61 -24.41 -29.62
C HIS A 390 15.78 -24.78 -28.39
N VAL A 391 15.56 -23.79 -27.54
CA VAL A 391 14.58 -23.86 -26.46
C VAL A 391 13.44 -22.93 -26.83
N LEU A 392 12.24 -23.49 -26.96
CA LEU A 392 11.12 -22.80 -27.59
C LEU A 392 10.06 -22.43 -26.56
N ALA A 393 9.57 -21.20 -26.66
CA ALA A 393 8.46 -20.72 -25.85
C ALA A 393 7.46 -20.01 -26.77
N VAL A 394 6.19 -20.08 -26.40
CA VAL A 394 5.11 -19.51 -27.21
C VAL A 394 4.46 -18.38 -26.40
N VAL A 395 4.37 -17.21 -27.02
CA VAL A 395 3.77 -16.06 -26.37
C VAL A 395 2.26 -16.26 -26.27
N THR A 396 1.70 -15.98 -25.09
CA THR A 396 0.28 -16.11 -24.85
C THR A 396 -0.40 -14.82 -24.40
N ARG A 397 0.34 -13.88 -23.81
CA ARG A 397 -0.22 -12.62 -23.36
C ARG A 397 0.81 -11.51 -23.57
N THR A 398 0.34 -10.33 -23.95
CA THR A 398 1.19 -9.19 -24.22
C THR A 398 0.55 -7.93 -23.68
N GLY A 399 1.38 -6.91 -23.48
CA GLY A 399 0.88 -5.64 -22.99
C GLY A 399 0.29 -5.74 -21.59
N PHE A 400 -0.75 -4.94 -21.35
CA PHE A 400 -1.38 -4.92 -20.04
C PHE A 400 -1.98 -6.27 -19.65
N CYS A 401 -2.25 -7.14 -20.63
CA CYS A 401 -2.82 -8.44 -20.33
C CYS A 401 -1.85 -9.34 -19.57
N THR A 402 -0.56 -9.02 -19.56
CA THR A 402 0.42 -9.84 -18.89
C THR A 402 0.16 -9.85 -17.38
N ALA A 403 0.87 -10.74 -16.68
CA ALA A 403 0.70 -10.87 -15.24
C ALA A 403 1.05 -9.57 -14.53
N LYS A 404 2.16 -8.94 -14.92
CA LYS A 404 2.55 -7.68 -14.29
C LYS A 404 1.63 -6.53 -14.72
N GLY A 405 0.99 -6.66 -15.88
CA GLY A 405 0.10 -5.61 -16.34
C GLY A 405 -1.08 -5.37 -15.41
N GLY A 406 -1.70 -6.45 -14.94
CA GLY A 406 -2.81 -6.30 -14.01
C GLY A 406 -2.39 -5.67 -12.70
N LEU A 407 -1.23 -6.07 -12.17
CA LEU A 407 -0.73 -5.47 -10.94
C LEU A 407 -0.43 -3.99 -11.15
N VAL A 408 0.16 -3.63 -12.29
CA VAL A 408 0.42 -2.23 -12.57
C VAL A 408 -0.88 -1.44 -12.66
N SER A 409 -1.89 -2.01 -13.31
CA SER A 409 -3.19 -1.35 -13.42
C SER A 409 -3.80 -1.13 -12.04
N SER A 410 -3.75 -2.15 -11.18
CA SER A 410 -4.25 -2.00 -9.83
C SER A 410 -3.41 -1.02 -9.01
N ILE A 411 -2.14 -0.84 -9.37
CA ILE A 411 -1.30 0.14 -8.68
C ILE A 411 -1.69 1.56 -9.07
N LEU A 412 -1.91 1.80 -10.36
CA LEU A 412 -2.08 3.16 -10.86
C LEU A 412 -3.52 3.65 -10.81
N HIS A 413 -4.49 2.79 -11.16
CA HIS A 413 -5.87 3.26 -11.29
C HIS A 413 -6.46 3.65 -9.94
N PRO A 414 -6.46 2.79 -8.91
CA PRO A 414 -6.99 3.20 -7.60
C PRO A 414 -6.34 4.48 -7.06
N PRO A 416 -9.10 0.31 -4.36
CA PRO A 416 -9.98 1.38 -4.86
C PRO A 416 -10.31 2.43 -3.80
N ILE A 417 -10.64 1.97 -2.59
CA ILE A 417 -10.99 2.85 -1.49
C ILE A 417 -10.57 2.18 -0.19
N ASN A 418 -10.04 2.98 0.73
CA ASN A 418 -9.55 2.43 2.00
C ASN A 418 -10.68 1.98 2.91
N PHE A 419 -11.85 2.63 2.79
CA PHE A 419 -13.03 2.37 3.62
C PHE A 419 -12.86 2.96 5.01
N LYS A 420 -11.67 3.46 5.33
CA LYS A 420 -11.47 4.29 6.52
C LYS A 420 -11.37 5.77 6.12
N PHE A 421 -12.42 6.23 5.46
CA PHE A 421 -12.38 7.55 4.82
C PHE A 421 -12.46 8.67 5.85
N TYR A 422 -12.16 9.88 5.41
CA TYR A 422 -12.06 11.04 6.30
C TYR A 422 -13.04 12.13 5.89
N LYS A 423 -14.30 11.76 5.66
CA LYS A 423 -15.34 12.67 5.23
C LYS A 423 -15.98 13.42 6.40
N HIS A 424 -15.29 13.52 7.53
CA HIS A 424 -15.87 14.06 8.76
C HIS A 424 -15.64 15.56 8.94
N SER A 425 -14.98 16.23 7.99
CA SER A 425 -14.65 17.64 8.15
C SER A 425 -15.74 18.59 7.66
N MET A 426 -16.79 18.07 7.02
CA MET A 426 -17.82 18.95 6.47
C MET A 426 -18.52 19.75 7.56
N LYS A 427 -18.86 19.09 8.66
CA LYS A 427 -19.59 19.78 9.73
C LYS A 427 -18.70 20.79 10.45
N PHE A 428 -17.42 20.48 10.62
CA PHE A 428 -16.49 21.46 11.18
C PHE A 428 -16.36 22.67 10.27
N VAL A 429 -16.30 22.44 8.96
CA VAL A 429 -16.24 23.54 8.01
C VAL A 429 -17.51 24.38 8.11
N ALA A 430 -18.66 23.73 8.27
CA ALA A 430 -19.92 24.48 8.43
C ALA A 430 -19.91 25.30 9.71
N ALA A 431 -19.36 24.73 10.79
CA ALA A 431 -19.28 25.46 12.05
C ALA A 431 -18.41 26.70 11.89
N LEU A 432 -17.30 26.58 11.16
CA LEU A 432 -16.48 27.75 10.88
C LEU A 432 -17.23 28.75 10.00
N SER A 433 -18.00 28.25 9.02
CA SER A 433 -18.67 29.11 8.07
C SER A 433 -19.78 29.92 8.74
N VAL A 434 -20.47 29.35 9.73
CA VAL A 434 -21.51 30.11 10.42
C VAL A 434 -20.90 31.29 11.16
N LEU A 435 -19.75 31.07 11.81
CA LEU A 435 -19.05 32.17 12.48
C LEU A 435 -18.62 33.22 11.46
N ALA A 436 -18.09 32.78 10.32
CA ALA A 436 -17.70 33.74 9.29
C ALA A 436 -18.90 34.56 8.82
N LEU A 437 -20.04 33.89 8.63
CA LEU A 437 -21.24 34.58 8.15
C LEU A 437 -21.72 35.61 9.17
N LEU A 438 -21.77 35.24 10.45
CA LEU A 438 -22.21 36.22 11.44
C LEU A 438 -21.21 37.36 11.56
N GLY A 439 -19.91 37.08 11.43
CA GLY A 439 -18.93 38.15 11.47
C GLY A 439 -19.11 39.13 10.33
N THR A 440 -19.32 38.63 9.11
CA THR A 440 -19.51 39.53 7.99
C THR A 440 -20.83 40.28 8.09
N ILE A 441 -21.87 39.65 8.66
CA ILE A 441 -23.12 40.37 8.90
C ILE A 441 -22.90 41.52 9.87
N TYR A 442 -22.16 41.27 10.95
CA TYR A 442 -21.84 42.33 11.89
C TYR A 442 -21.04 43.44 11.20
N SER A 443 -20.08 43.06 10.36
CA SER A 443 -19.25 44.05 9.68
C SER A 443 -20.11 44.94 8.77
N ILE A 444 -20.98 44.33 7.97
CA ILE A 444 -21.83 45.11 7.07
C ILE A 444 -22.80 45.97 7.87
N PHE A 445 -23.24 45.50 9.04
CA PHE A 445 -24.11 46.32 9.88
C PHE A 445 -23.40 47.58 10.37
N ILE A 446 -22.29 47.39 11.08
CA ILE A 446 -21.58 48.54 11.65
C ILE A 446 -21.00 49.44 10.56
N LEU A 447 -20.55 48.85 9.44
CA LEU A 447 -19.96 49.66 8.38
C LEU A 447 -20.94 50.69 7.85
N TYR A 448 -22.25 50.39 7.91
CA TYR A 448 -23.25 51.37 7.49
C TYR A 448 -23.33 52.53 8.47
N ARG A 449 -23.08 52.29 9.75
CA ARG A 449 -23.11 53.36 10.74
C ARG A 449 -22.08 54.45 10.45
N ASN A 450 -21.03 54.13 9.70
CA ASN A 450 -20.00 55.10 9.34
C ASN A 450 -20.39 55.94 8.14
N ARG A 451 -21.55 55.68 7.53
CA ARG A 451 -22.02 56.46 6.38
C ARG A 451 -21.03 56.36 5.21
N VAL A 452 -20.43 55.19 5.06
CA VAL A 452 -19.52 54.92 3.95
C VAL A 452 -20.35 54.93 2.66
N PRO A 453 -19.80 55.38 1.52
CA PRO A 453 -20.61 55.43 0.29
C PRO A 453 -21.24 54.10 -0.07
N LEU A 454 -22.24 54.13 -0.95
CA LEU A 454 -23.00 52.94 -1.28
C LEU A 454 -22.18 51.91 -2.04
N ASN A 455 -21.10 52.31 -2.69
CA ASN A 455 -20.27 51.39 -3.47
C ASN A 455 -19.07 50.87 -2.71
N GLU A 456 -18.42 51.71 -1.90
CA GLU A 456 -17.27 51.26 -1.13
C GLU A 456 -17.66 50.30 -0.02
N ILE A 457 -18.92 50.32 0.42
CA ILE A 457 -19.35 49.43 1.49
C ILE A 457 -19.28 47.96 1.04
N VAL A 458 -19.76 47.66 -0.16
CA VAL A 458 -19.89 46.27 -0.59
C VAL A 458 -18.52 45.63 -0.83
N ILE A 459 -17.56 46.37 -1.39
CA ILE A 459 -16.25 45.79 -1.65
C ILE A 459 -15.53 45.51 -0.33
N ARG A 460 -15.61 46.44 0.62
CA ARG A 460 -14.98 46.22 1.92
C ARG A 460 -15.65 45.08 2.67
N ALA A 461 -16.97 44.93 2.51
CA ALA A 461 -17.65 43.78 3.10
C ALA A 461 -17.19 42.48 2.46
N LEU A 462 -17.04 42.46 1.13
CA LEU A 462 -16.58 41.26 0.44
C LEU A 462 -15.16 40.90 0.83
N ASP A 463 -14.35 41.90 1.19
CA ASP A 463 -12.98 41.62 1.62
C ASP A 463 -12.97 40.65 2.79
N LEU A 464 -13.96 40.74 3.68
CA LEU A 464 -14.01 39.86 4.84
C LEU A 464 -14.12 38.40 4.41
N VAL A 465 -15.09 38.09 3.55
CA VAL A 465 -15.23 36.71 3.07
C VAL A 465 -14.01 36.33 2.23
N THR A 466 -13.38 37.30 1.58
CA THR A 466 -12.18 37.00 0.81
C THR A 466 -11.05 36.53 1.71
N VAL A 467 -10.87 37.15 2.87
CA VAL A 467 -9.76 36.80 3.75
C VAL A 467 -10.05 35.60 4.63
N VAL A 468 -11.31 35.17 4.74
CA VAL A 468 -11.65 34.04 5.61
C VAL A 468 -10.96 32.79 5.10
N VAL A 469 -11.03 32.54 3.80
CA VAL A 469 -10.40 31.36 3.20
C VAL A 469 -8.88 31.55 3.26
N PRO A 470 -8.13 30.65 3.87
CA PRO A 470 -6.70 30.87 4.04
C PRO A 470 -5.92 30.41 2.83
N PRO A 471 -5.09 31.28 2.25
CA PRO A 471 -4.18 30.82 1.19
C PRO A 471 -3.10 29.92 1.76
N ALA A 472 -2.41 29.21 0.84
CA ALA A 472 -1.34 28.29 1.14
C ALA A 472 -1.82 27.00 1.80
N LEU A 473 -3.15 26.81 1.95
CA LEU A 473 -3.64 25.58 2.55
C LEU A 473 -3.21 24.35 1.78
N PRO A 474 -3.40 24.25 0.46
CA PRO A 474 -2.90 23.06 -0.26
C PRO A 474 -1.39 22.89 -0.15
N ALA A 475 -0.62 23.97 -0.12
CA ALA A 475 0.83 23.85 -0.02
C ALA A 475 1.24 23.19 1.28
N ALA A 476 0.61 23.57 2.39
CA ALA A 476 0.96 23.00 3.69
C ALA A 476 0.57 21.52 3.78
N MET A 477 -0.26 21.03 2.86
CA MET A 477 -0.79 19.67 2.93
C MET A 477 -0.06 18.71 2.01
N THR A 478 0.18 19.11 0.75
CA THR A 478 0.94 18.27 -0.16
C THR A 478 2.36 18.02 0.35
N VAL A 479 2.87 18.89 1.23
CA VAL A 479 4.23 18.74 1.73
C VAL A 479 4.31 17.75 2.88
N CYS A 480 3.22 17.55 3.63
CA CYS A 480 3.25 16.59 4.73
C CYS A 480 3.49 15.17 4.21
N THR A 481 2.80 14.80 3.14
CA THR A 481 3.00 13.49 2.55
C THR A 481 4.42 13.33 2.02
N LEU A 482 4.96 14.38 1.40
CA LEU A 482 6.34 14.33 0.93
C LEU A 482 7.31 14.12 2.08
N TYR A 483 7.10 14.85 3.19
CA TYR A 483 7.97 14.69 4.35
C TYR A 483 7.89 13.25 4.89
N ALA A 484 6.67 12.73 5.01
CA ALA A 484 6.50 11.38 5.55
C ALA A 484 7.18 10.35 4.65
N GLN A 485 6.98 10.47 3.34
CA GLN A 485 7.59 9.51 2.41
C GLN A 485 9.11 9.61 2.44
N SER A 486 9.65 10.83 2.48
CA SER A 486 11.09 11.01 2.52
C SER A 486 11.68 10.41 3.79
N ARG A 487 11.03 10.66 4.93
CA ARG A 487 11.52 10.09 6.19
C ARG A 487 11.44 8.56 6.18
N LEU A 488 10.36 8.00 5.62
CA LEU A 488 10.27 6.55 5.54
C LEU A 488 11.37 5.99 4.65
N ARG A 489 11.67 6.66 3.53
CA ARG A 489 12.75 6.22 2.66
C ARG A 489 14.08 6.25 3.39
N ARG A 490 14.29 7.26 4.24
CA ARG A 490 15.55 7.38 4.96
C ARG A 490 15.83 6.17 5.84
N GLN A 491 14.77 5.52 6.35
CA GLN A 491 14.92 4.39 7.25
C GLN A 491 14.92 3.05 6.51
N GLY A 492 14.85 3.05 5.19
CA GLY A 492 14.90 1.82 4.42
C GLY A 492 13.56 1.25 4.05
N ILE A 493 12.47 1.97 4.26
CA ILE A 493 11.12 1.53 3.90
C ILE A 493 10.68 2.33 2.69
N PHE A 494 10.33 1.63 1.61
CA PHE A 494 9.99 2.25 0.33
C PHE A 494 8.50 2.07 0.09
N CYS A 495 7.72 3.06 0.52
CA CYS A 495 6.29 3.05 0.27
C CYS A 495 6.01 3.48 -1.17
N ILE A 496 4.97 2.89 -1.75
CA ILE A 496 4.58 3.20 -3.12
C ILE A 496 4.21 4.67 -3.24
N PRO A 498 1.69 8.39 -1.24
CA PRO A 498 0.87 7.22 -0.89
C PRO A 498 -0.17 7.53 0.17
N LEU A 499 -1.37 6.96 0.02
CA LEU A 499 -2.47 7.23 0.93
C LEU A 499 -2.47 6.32 2.15
N ARG A 500 -1.70 5.23 2.13
CA ARG A 500 -1.70 4.27 3.22
C ARG A 500 -0.76 4.66 4.36
N ILE A 501 -0.02 5.77 4.24
CA ILE A 501 0.84 6.21 5.32
C ILE A 501 0.02 6.48 6.57
N ASN A 502 -1.09 7.21 6.42
CA ASN A 502 -1.97 7.46 7.55
C ASN A 502 -2.73 6.20 7.97
N LEU A 503 -3.06 5.34 7.02
CA LEU A 503 -3.78 4.12 7.35
C LEU A 503 -2.95 3.21 8.27
N GLY A 504 -1.65 3.11 8.00
CA GLY A 504 -0.80 2.23 8.79
C GLY A 504 -0.69 2.62 10.25
N GLY A 505 -1.07 3.86 10.59
CA GLY A 505 -0.96 4.32 11.96
C GLY A 505 -2.08 3.89 12.89
N LYS A 506 -3.11 3.21 12.36
CA LYS A 506 -4.24 2.78 13.14
C LYS A 506 -4.42 1.27 13.07
N LEU A 507 -3.31 0.54 13.04
CA LEU A 507 -3.37 -0.91 13.01
C LEU A 507 -3.80 -1.47 14.37
N GLN A 508 -4.55 -2.56 14.32
CA GLN A 508 -4.99 -3.23 15.54
C GLN A 508 -4.77 -4.74 15.50
N LEU A 509 -4.30 -5.30 14.39
CA LEU A 509 -4.02 -6.72 14.29
C LEU A 509 -3.01 -6.93 13.19
N VAL A 510 -2.01 -7.78 13.45
CA VAL A 510 -0.91 -8.01 12.52
C VAL A 510 -0.68 -9.51 12.38
N CYS A 511 -0.40 -9.95 11.16
CA CYS A 511 -0.10 -11.34 10.86
C CYS A 511 1.36 -11.48 10.44
N PHE A 512 1.99 -12.56 10.87
CA PHE A 512 3.41 -12.79 10.62
C PHE A 512 3.63 -14.21 10.11
N ASP A 513 4.63 -14.38 9.24
CA ASP A 513 5.09 -15.69 8.86
C ASP A 513 6.17 -16.16 9.84
N LYS A 514 6.41 -17.47 9.84
CA LYS A 514 7.34 -18.06 10.81
C LYS A 514 8.76 -18.11 10.26
N THR A 515 8.94 -18.73 9.10
CA THR A 515 10.28 -18.88 8.51
C THR A 515 10.66 -17.62 7.75
N GLY A 516 11.88 -17.14 7.97
CA GLY A 516 12.36 -15.95 7.29
C GLY A 516 11.92 -14.66 7.94
N THR A 517 10.64 -14.57 8.28
CA THR A 517 10.12 -13.35 8.90
C THR A 517 10.43 -13.31 10.39
N LEU A 518 9.94 -14.30 11.15
CA LEU A 518 10.14 -14.35 12.59
C LEU A 518 11.37 -15.17 13.00
N THR A 519 12.03 -15.84 12.07
CA THR A 519 13.15 -16.70 12.39
C THR A 519 14.21 -16.58 11.29
N GLU A 520 15.38 -17.17 11.57
CA GLU A 520 16.49 -17.11 10.63
C GLU A 520 16.18 -17.89 9.36
N ASP A 521 16.68 -17.38 8.23
CA ASP A 521 16.50 -18.08 6.96
C ASP A 521 17.37 -19.33 6.88
N GLY A 522 18.59 -19.26 7.40
CA GLY A 522 19.46 -20.42 7.35
C GLY A 522 18.95 -21.57 8.19
N LEU A 523 19.30 -22.78 7.78
CA LEU A 523 18.84 -24.01 8.44
C LEU A 523 20.04 -24.87 8.79
N ASP A 524 20.06 -25.38 10.02
CA ASP A 524 21.09 -26.31 10.47
C ASP A 524 20.50 -27.71 10.56
N VAL A 525 21.21 -28.69 10.00
CA VAL A 525 20.74 -30.06 9.92
C VAL A 525 21.31 -30.85 11.10
N MET A 526 20.43 -31.56 11.81
CA MET A 526 20.81 -32.34 12.98
C MET A 526 20.93 -33.82 12.66
N GLY A 527 20.85 -34.21 11.40
CA GLY A 527 20.98 -35.59 10.98
C GLY A 527 19.69 -36.14 10.39
N VAL A 528 19.68 -37.46 10.20
CA VAL A 528 18.56 -38.17 9.62
C VAL A 528 18.19 -39.34 10.52
N VAL A 529 16.95 -39.79 10.38
CA VAL A 529 16.44 -40.91 11.18
C VAL A 529 16.15 -42.07 10.24
N PRO A 530 17.04 -43.06 10.13
CA PRO A 530 16.79 -44.18 9.22
C PRO A 530 15.53 -44.94 9.61
N LEU A 531 14.76 -45.34 8.59
CA LEU A 531 13.53 -46.08 8.81
C LEU A 531 13.33 -47.16 7.74
N LYS A 532 14.36 -47.49 6.98
CA LYS A 532 14.22 -48.35 5.80
C LYS A 532 14.24 -49.84 6.14
N GLY A 533 13.95 -50.20 7.39
CA GLY A 533 13.88 -51.61 7.76
C GLY A 533 13.89 -51.77 9.26
N GLN A 534 14.23 -52.99 9.68
CA GLN A 534 14.33 -53.33 11.10
C GLN A 534 12.98 -53.17 11.81
N ALA A 535 11.97 -53.85 11.27
CA ALA A 535 10.63 -53.86 11.84
C ALA A 535 10.05 -52.45 11.92
N PHE A 536 10.45 -51.57 11.01
CA PHE A 536 9.99 -50.19 10.93
C PHE A 536 10.45 -49.35 12.11
N LEU A 537 11.27 -49.90 13.00
CA LEU A 537 11.72 -49.15 14.16
C LEU A 537 12.78 -48.13 13.75
N PRO A 538 12.83 -46.98 14.41
CA PRO A 538 13.88 -45.99 14.09
C PRO A 538 15.25 -46.48 14.53
N LEU A 539 16.27 -45.97 13.84
CA LEU A 539 17.66 -46.27 14.15
C LEU A 539 18.34 -45.14 14.89
N VAL A 540 17.58 -44.22 15.48
CA VAL A 540 18.11 -43.09 16.25
C VAL A 540 18.76 -42.10 15.29
N PRO A 541 18.66 -40.79 15.54
CA PRO A 541 19.25 -39.83 14.60
C PRO A 541 20.77 -40.00 14.50
N GLU A 542 21.29 -39.69 13.32
CA GLU A 542 22.72 -39.76 13.07
C GLU A 542 23.12 -38.74 12.00
N PRO A 543 23.90 -37.71 12.34
CA PRO A 543 24.43 -36.82 11.28
C PRO A 543 25.59 -37.48 10.55
N ARG A 544 25.25 -38.34 9.58
CA ARG A 544 26.22 -39.18 8.91
C ARG A 544 26.07 -39.09 7.41
N ARG A 545 27.09 -39.57 6.71
CA ARG A 545 27.03 -39.80 5.27
C ARG A 545 27.68 -41.12 4.89
N LEU A 546 27.88 -42.02 5.86
CA LEU A 546 28.65 -43.24 5.69
C LEU A 546 27.89 -44.30 4.89
N PRO A 547 26.72 -44.75 5.37
CA PRO A 547 26.08 -45.91 4.73
C PRO A 547 25.62 -45.60 3.32
N VAL A 548 25.69 -46.62 2.46
CA VAL A 548 25.25 -46.51 1.07
C VAL A 548 23.93 -47.25 0.93
N GLY A 549 22.96 -46.57 0.31
CA GLY A 549 21.65 -47.14 0.12
C GLY A 549 20.68 -46.15 -0.51
N PRO A 550 19.42 -46.55 -0.65
CA PRO A 550 18.43 -45.63 -1.24
C PRO A 550 18.29 -44.34 -0.46
N LEU A 551 18.41 -44.38 0.87
CA LEU A 551 18.26 -43.17 1.66
C LEU A 551 19.37 -42.17 1.35
N LEU A 552 20.61 -42.64 1.21
CA LEU A 552 21.72 -41.73 0.94
C LEU A 552 21.54 -41.02 -0.39
N ARG A 553 21.31 -41.78 -1.47
CA ARG A 553 21.13 -41.15 -2.78
C ARG A 553 19.82 -40.41 -2.88
N ALA A 554 18.80 -40.81 -2.11
CA ALA A 554 17.58 -40.00 -2.05
C ALA A 554 17.87 -38.61 -1.51
N LEU A 555 18.69 -38.53 -0.46
CA LEU A 555 19.12 -37.23 0.05
C LEU A 555 19.97 -36.49 -0.97
N ALA A 556 20.87 -37.22 -1.64
CA ALA A 556 21.84 -36.56 -2.52
C ALA A 556 21.20 -36.04 -3.79
N THR A 557 20.11 -36.66 -4.25
CA THR A 557 19.53 -36.33 -5.55
C THR A 557 18.15 -35.71 -5.48
N CYS A 558 17.43 -35.82 -4.36
CA CYS A 558 16.08 -35.26 -4.25
C CYS A 558 16.19 -33.77 -3.97
N HIS A 559 16.40 -33.01 -5.04
CA HIS A 559 16.53 -31.56 -4.95
C HIS A 559 16.45 -30.98 -6.35
N ALA A 560 16.49 -29.66 -6.43
CA ALA A 560 16.45 -28.93 -7.70
C ALA A 560 17.59 -27.93 -7.78
N LEU A 561 18.78 -28.35 -7.35
CA LEU A 561 19.94 -27.48 -7.37
C LEU A 561 20.43 -27.27 -8.79
N SER A 562 21.16 -26.17 -8.99
CA SER A 562 21.74 -25.85 -10.28
C SER A 562 23.04 -25.09 -10.04
N ARG A 563 23.92 -25.15 -11.03
CA ARG A 563 25.23 -24.50 -10.95
C ARG A 563 25.17 -23.17 -11.67
N LEU A 564 25.42 -22.09 -10.92
CA LEU A 564 25.51 -20.74 -11.48
C LEU A 564 26.96 -20.28 -11.36
N GLN A 565 27.54 -19.88 -12.49
CA GLN A 565 28.96 -19.55 -12.53
C GLN A 565 29.78 -20.74 -12.08
N ASP A 566 30.16 -20.78 -10.80
CA ASP A 566 30.93 -21.90 -10.26
C ASP A 566 30.47 -22.28 -8.85
N THR A 567 29.24 -21.95 -8.50
CA THR A 567 28.69 -22.26 -7.18
C THR A 567 27.25 -22.74 -7.33
N PRO A 568 26.81 -23.65 -6.46
CA PRO A 568 25.40 -24.06 -6.51
C PRO A 568 24.47 -23.00 -5.93
N VAL A 569 23.27 -22.94 -6.48
CA VAL A 569 22.24 -22.00 -6.04
C VAL A 569 20.90 -22.72 -6.03
N GLY A 570 20.06 -22.39 -5.06
CA GLY A 570 18.75 -23.01 -4.97
C GLY A 570 18.15 -22.78 -3.60
N ASP A 571 17.21 -23.65 -3.25
CA ASP A 571 16.55 -23.56 -1.96
C ASP A 571 17.59 -23.77 -0.86
N PRO A 572 17.64 -22.90 0.17
CA PRO A 572 18.66 -23.10 1.22
C PRO A 572 18.57 -24.46 1.87
N MET A 573 17.36 -25.01 2.02
CA MET A 573 17.20 -26.30 2.65
C MET A 573 17.85 -27.40 1.82
N ASP A 574 17.65 -27.36 0.50
CA ASP A 574 18.30 -28.35 -0.37
C ASP A 574 19.81 -28.21 -0.34
N LEU A 575 20.31 -26.96 -0.32
CA LEU A 575 21.75 -26.73 -0.23
C LEU A 575 22.31 -27.34 1.05
N LYS A 576 21.64 -27.11 2.18
CA LYS A 576 22.10 -27.65 3.44
C LYS A 576 22.07 -29.17 3.46
N MET A 577 21.02 -29.76 2.90
CA MET A 577 20.95 -31.23 2.84
C MET A 577 22.09 -31.78 1.99
N VAL A 578 22.29 -31.23 0.80
CA VAL A 578 23.36 -31.72 -0.07
C VAL A 578 24.71 -31.54 0.60
N GLU A 579 24.87 -30.47 1.39
CA GLU A 579 26.11 -30.27 2.12
C GLU A 579 26.36 -31.39 3.12
N SER A 580 25.30 -31.82 3.82
CA SER A 580 25.47 -32.88 4.82
C SER A 580 25.92 -34.18 4.19
N THR A 581 25.34 -34.54 3.05
CA THR A 581 25.72 -35.79 2.39
C THR A 581 27.15 -35.73 1.86
N GLY A 582 27.61 -34.55 1.46
CA GLY A 582 28.94 -34.39 0.91
C GLY A 582 29.05 -34.61 -0.58
N TRP A 583 27.96 -35.04 -1.23
CA TRP A 583 27.99 -35.24 -2.67
C TRP A 583 28.01 -33.90 -3.39
N VAL A 584 28.73 -33.85 -4.51
CA VAL A 584 28.96 -32.62 -5.26
C VAL A 584 28.17 -32.69 -6.56
N LEU A 585 27.45 -31.62 -6.87
CA LEU A 585 26.68 -31.55 -8.11
C LEU A 585 27.65 -31.38 -9.29
N GLU A 586 27.61 -32.32 -10.22
CA GLU A 586 28.48 -32.28 -11.37
C GLU A 586 27.97 -31.28 -12.41
N GLU A 587 28.90 -30.69 -13.15
CA GLU A 587 28.56 -29.71 -14.17
C GLU A 587 28.22 -30.39 -15.49
N GLU A 609 20.06 -38.18 -21.98
CA GLU A 609 18.92 -37.32 -21.69
C GLU A 609 19.01 -36.56 -20.36
N PRO A 610 19.52 -37.19 -19.28
CA PRO A 610 19.40 -36.54 -17.96
C PRO A 610 20.15 -35.23 -17.88
N GLN A 611 21.46 -35.26 -18.13
CA GLN A 611 22.37 -34.11 -18.12
C GLN A 611 22.65 -33.57 -16.73
N LEU A 612 22.14 -34.21 -15.67
CA LEU A 612 22.50 -33.86 -14.30
C LEU A 612 22.92 -35.13 -13.57
N GLN A 613 24.02 -35.04 -12.82
CA GLN A 613 24.55 -36.20 -12.09
C GLN A 613 25.23 -35.73 -10.82
N ALA A 614 25.40 -36.67 -9.89
CA ALA A 614 26.12 -36.43 -8.66
C ALA A 614 27.55 -36.96 -8.79
N MET A 615 28.48 -36.28 -8.10
CA MET A 615 29.89 -36.59 -8.29
C MET A 615 30.33 -37.78 -7.44
N GLU A 616 30.16 -37.67 -6.12
CA GLU A 616 30.61 -38.74 -5.22
C GLU A 616 29.96 -40.05 -5.61
N GLU A 617 30.78 -41.10 -5.69
CA GLU A 617 30.36 -42.39 -6.26
C GLU A 617 30.80 -43.55 -5.36
N PRO A 618 30.25 -43.66 -4.16
CA PRO A 618 30.53 -44.83 -3.34
C PRO A 618 30.14 -46.10 -4.08
N PRO A 619 28.85 -46.27 -4.46
CA PRO A 619 28.52 -47.34 -5.42
C PRO A 619 28.97 -47.00 -6.83
N VAL A 620 28.54 -45.84 -7.32
CA VAL A 620 28.75 -45.42 -8.69
C VAL A 620 28.15 -44.02 -8.83
N PRO A 621 28.57 -43.19 -9.77
CA PRO A 621 27.90 -41.89 -9.95
C PRO A 621 26.43 -42.09 -10.32
N VAL A 622 25.60 -41.16 -9.84
CA VAL A 622 24.15 -41.23 -10.01
C VAL A 622 23.70 -40.10 -10.92
N SER A 623 22.61 -40.34 -11.65
CA SER A 623 22.04 -39.38 -12.57
C SER A 623 20.55 -39.24 -12.34
N VAL A 624 20.01 -38.09 -12.70
CA VAL A 624 18.58 -37.78 -12.54
C VAL A 624 17.95 -37.76 -13.92
N LEU A 625 17.00 -38.67 -14.15
CA LEU A 625 16.33 -38.76 -15.44
C LEU A 625 15.15 -37.79 -15.54
N HIS A 626 14.35 -37.67 -14.49
CA HIS A 626 13.19 -36.79 -14.50
C HIS A 626 13.08 -36.09 -13.15
N ARG A 627 12.44 -34.93 -13.16
CA ARG A 627 12.28 -34.13 -11.96
C ARG A 627 10.93 -33.43 -11.99
N PHE A 628 10.32 -33.28 -10.83
CA PHE A 628 9.07 -32.55 -10.67
C PHE A 628 9.30 -31.39 -9.70
N PRO A 629 9.10 -30.14 -10.09
CA PRO A 629 9.38 -29.03 -9.17
C PRO A 629 8.32 -28.93 -8.09
N PHE A 630 8.59 -28.08 -7.11
CA PHE A 630 7.67 -27.91 -5.99
C PHE A 630 6.66 -26.80 -6.27
N SER A 631 5.51 -26.92 -5.62
CA SER A 631 4.52 -25.85 -5.56
C SER A 631 3.91 -25.83 -4.17
N SER A 632 3.61 -24.63 -3.68
CA SER A 632 3.10 -24.47 -2.33
C SER A 632 1.74 -25.13 -2.14
N ALA A 633 1.00 -25.37 -3.23
CA ALA A 633 -0.32 -25.99 -3.11
C ALA A 633 -0.22 -27.39 -2.54
N LEU A 634 0.72 -28.19 -3.03
CA LEU A 634 0.95 -29.54 -2.55
C LEU A 634 2.35 -29.63 -1.93
N GLN A 635 2.43 -30.22 -0.75
CA GLN A 635 3.66 -30.22 0.04
C GLN A 635 4.51 -31.46 -0.27
N ARG A 636 5.07 -31.49 -1.48
CA ARG A 636 5.94 -32.59 -1.87
C ARG A 636 6.59 -32.27 -3.21
N MET A 637 7.71 -32.95 -3.47
CA MET A 637 8.38 -32.91 -4.76
C MET A 637 8.85 -34.32 -5.08
N SER A 638 9.05 -34.58 -6.38
CA SER A 638 9.40 -35.91 -6.86
C SER A 638 10.56 -35.82 -7.84
N VAL A 639 11.29 -36.93 -7.95
CA VAL A 639 12.43 -37.03 -8.86
C VAL A 639 12.58 -38.49 -9.26
N VAL A 640 13.02 -38.70 -10.51
CA VAL A 640 13.29 -40.04 -11.03
C VAL A 640 14.79 -40.18 -11.20
N VAL A 641 15.36 -41.24 -10.62
CA VAL A 641 16.81 -41.40 -10.52
C VAL A 641 17.20 -42.74 -11.13
N ALA A 642 18.29 -42.73 -11.90
CA ALA A 642 18.85 -43.94 -12.48
C ALA A 642 20.37 -43.86 -12.42
N TRP A 643 21.00 -45.02 -12.26
CA TRP A 643 22.45 -45.13 -12.22
C TRP A 643 22.85 -46.38 -12.97
N PRO A 644 24.08 -46.43 -13.51
CA PRO A 644 24.51 -47.63 -14.23
C PRO A 644 24.48 -48.87 -13.35
N GLY A 645 24.10 -49.99 -13.95
CA GLY A 645 23.98 -51.25 -13.23
C GLY A 645 22.65 -51.45 -12.54
N ALA A 646 21.77 -50.46 -12.56
CA ALA A 646 20.47 -50.58 -11.92
C ALA A 646 19.52 -51.42 -12.78
N THR A 647 18.74 -52.28 -12.11
CA THR A 647 17.77 -53.09 -12.83
C THR A 647 16.73 -52.21 -13.51
N GLN A 648 16.24 -51.19 -12.82
CA GLN A 648 15.32 -50.22 -13.40
C GLN A 648 15.41 -48.93 -12.60
N PRO A 649 15.06 -47.79 -13.20
CA PRO A 649 15.13 -46.53 -12.46
C PRO A 649 14.19 -46.52 -11.27
N GLU A 650 14.62 -45.84 -10.22
CA GLU A 650 13.83 -45.66 -9.01
C GLU A 650 13.34 -44.22 -8.91
N ALA A 651 12.38 -44.00 -8.02
CA ALA A 651 11.79 -42.68 -7.81
C ALA A 651 11.84 -42.34 -6.32
N TYR A 652 12.18 -41.09 -6.03
CA TYR A 652 12.25 -40.59 -4.67
C TYR A 652 11.46 -39.28 -4.58
N VAL A 653 10.76 -39.11 -3.46
CA VAL A 653 9.98 -37.91 -3.22
C VAL A 653 10.31 -37.37 -1.84
N LYS A 654 9.94 -36.12 -1.61
CA LYS A 654 10.23 -35.42 -0.36
C LYS A 654 9.08 -34.48 -0.05
N GLY A 655 8.48 -34.65 1.12
CA GLY A 655 7.29 -33.90 1.45
C GLY A 655 7.13 -33.77 2.95
N SER A 656 6.04 -33.13 3.35
CA SER A 656 5.75 -32.99 4.77
C SER A 656 5.55 -34.38 5.38
N PRO A 657 6.01 -34.61 6.61
CA PRO A 657 5.91 -35.96 7.17
C PRO A 657 4.50 -36.48 7.22
N GLU A 658 3.54 -35.63 7.60
CA GLU A 658 2.15 -36.08 7.69
C GLU A 658 1.59 -36.45 6.32
N LEU A 659 1.87 -35.63 5.31
CA LEU A 659 1.31 -35.88 3.98
C LEU A 659 1.86 -37.17 3.39
N VAL A 660 3.18 -37.33 3.41
CA VAL A 660 3.77 -38.53 2.81
C VAL A 660 3.47 -39.77 3.64
N ALA A 661 3.32 -39.61 4.96
CA ALA A 661 2.96 -40.75 5.80
C ALA A 661 1.66 -41.39 5.33
N GLY A 662 0.73 -40.59 4.83
CA GLY A 662 -0.49 -41.07 4.23
C GLY A 662 -0.40 -41.32 2.73
N LEU A 663 0.79 -41.19 2.15
CA LEU A 663 1.02 -41.37 0.73
C LEU A 663 2.00 -42.51 0.47
N CYS A 664 1.92 -43.55 1.29
CA CYS A 664 2.81 -44.70 1.15
C CYS A 664 2.06 -45.94 1.63
N ASN A 665 2.75 -47.07 1.59
CA ASN A 665 2.13 -48.32 2.00
C ASN A 665 1.78 -48.26 3.49
N PRO A 666 0.53 -48.55 3.87
CA PRO A 666 0.18 -48.48 5.29
C PRO A 666 1.04 -49.37 6.18
N GLU A 667 1.47 -50.52 5.68
CA GLU A 667 2.29 -51.42 6.49
C GLU A 667 3.66 -50.83 6.77
N THR A 668 4.24 -50.14 5.78
CA THR A 668 5.59 -49.63 5.93
C THR A 668 5.69 -48.61 7.06
N VAL A 669 4.73 -47.70 7.15
CA VAL A 669 4.79 -46.67 8.19
C VAL A 669 4.65 -47.32 9.56
N PRO A 670 5.50 -46.97 10.53
CA PRO A 670 5.40 -47.62 11.84
C PRO A 670 4.16 -47.18 12.61
N THR A 671 3.77 -48.02 13.56
CA THR A 671 2.59 -47.71 14.39
C THR A 671 2.79 -46.45 15.20
N ASP A 672 4.00 -46.25 15.74
CA ASP A 672 4.31 -45.10 16.59
C ASP A 672 4.87 -43.93 15.79
N PHE A 673 4.49 -43.79 14.52
CA PHE A 673 4.99 -42.68 13.72
C PHE A 673 4.55 -41.35 14.30
N ALA A 674 3.33 -41.28 14.85
CA ALA A 674 2.84 -40.03 15.40
C ALA A 674 3.73 -39.54 16.55
N GLN A 675 4.07 -40.45 17.47
CA GLN A 675 4.94 -40.07 18.58
C GLN A 675 6.33 -39.68 18.09
N MET A 676 6.85 -40.42 17.09
CA MET A 676 8.17 -40.09 16.55
C MET A 676 8.18 -38.68 15.98
N LEU A 677 7.14 -38.33 15.21
CA LEU A 677 7.08 -37.00 14.63
C LEU A 677 6.86 -35.93 15.68
N GLN A 678 6.06 -36.23 16.70
CA GLN A 678 5.76 -35.24 17.73
C GLN A 678 6.97 -34.95 18.62
N SER A 679 7.80 -35.96 18.87
CA SER A 679 8.94 -35.78 19.78
C SER A 679 9.86 -34.68 19.27
N TYR A 680 10.26 -34.75 18.00
CA TYR A 680 11.20 -33.76 17.48
C TYR A 680 10.50 -32.42 17.22
N THR A 681 9.29 -32.45 16.68
CA THR A 681 8.58 -31.20 16.41
C THR A 681 8.28 -30.45 17.70
N ALA A 682 7.87 -31.17 18.75
CA ALA A 682 7.58 -30.53 20.02
C ALA A 682 8.80 -29.85 20.62
N ALA A 683 10.01 -30.28 20.23
CA ALA A 683 11.24 -29.66 20.72
C ALA A 683 11.59 -28.39 19.95
N GLY A 684 10.84 -28.05 18.91
CA GLY A 684 11.11 -26.88 18.10
C GLY A 684 11.84 -27.15 16.81
N TYR A 685 12.10 -28.40 16.48
CA TYR A 685 12.82 -28.73 15.25
C TYR A 685 11.88 -28.68 14.04
N ARG A 686 12.49 -28.51 12.87
CA ARG A 686 11.79 -28.50 11.59
C ARG A 686 12.16 -29.79 10.86
N VAL A 687 11.18 -30.65 10.62
CA VAL A 687 11.41 -32.02 10.21
C VAL A 687 10.70 -32.29 8.89
N VAL A 688 11.20 -33.27 8.15
CA VAL A 688 10.61 -33.71 6.90
C VAL A 688 10.65 -35.24 6.86
N ALA A 689 10.15 -35.79 5.76
CA ALA A 689 10.14 -37.23 5.53
C ALA A 689 10.51 -37.51 4.08
N LEU A 690 11.03 -38.72 3.86
CA LEU A 690 11.46 -39.18 2.54
C LEU A 690 10.80 -40.50 2.22
N ALA A 691 10.60 -40.75 0.92
CA ALA A 691 9.97 -41.98 0.47
C ALA A 691 10.53 -42.35 -0.90
N SER A 692 10.38 -43.63 -1.25
CA SER A 692 10.91 -44.15 -2.49
C SER A 692 9.96 -45.21 -3.05
N LYS A 693 10.06 -45.43 -4.36
CA LYS A 693 9.23 -46.40 -5.07
C LYS A 693 10.10 -47.27 -5.98
N PRO A 694 9.84 -48.58 -6.03
CA PRO A 694 10.60 -49.42 -6.97
C PRO A 694 10.39 -49.03 -8.43
N LEU A 695 9.17 -48.64 -8.81
CA LEU A 695 8.88 -48.14 -10.14
C LEU A 695 9.41 -49.10 -11.21
N PRO A 696 8.73 -50.24 -11.43
CA PRO A 696 9.23 -51.24 -12.39
C PRO A 696 9.60 -50.67 -13.75
N THR A 697 10.30 -51.47 -14.56
CA THR A 697 10.94 -50.96 -15.77
C THR A 697 9.95 -50.26 -16.69
N VAL A 698 8.96 -50.99 -17.19
CA VAL A 698 8.03 -50.40 -18.16
C VAL A 698 7.27 -49.22 -17.56
N PRO A 699 6.71 -49.30 -16.36
CA PRO A 699 6.11 -48.09 -15.77
C PRO A 699 7.11 -46.96 -15.61
N SER A 700 8.36 -47.27 -15.27
CA SER A 700 9.37 -46.23 -15.13
C SER A 700 9.59 -45.50 -16.45
N LEU A 701 9.69 -46.25 -17.55
CA LEU A 701 9.95 -45.63 -18.85
C LEU A 701 8.74 -44.88 -19.36
N GLU A 702 7.53 -45.42 -19.14
CA GLU A 702 6.34 -44.78 -19.68
C GLU A 702 5.97 -43.52 -18.88
N ALA A 703 6.15 -43.56 -17.56
CA ALA A 703 5.79 -42.41 -16.73
C ALA A 703 6.63 -41.18 -17.10
N ALA A 704 7.94 -41.37 -17.28
CA ALA A 704 8.79 -40.25 -17.66
C ALA A 704 8.41 -39.72 -19.04
N GLN A 705 8.13 -40.62 -19.98
CA GLN A 705 7.76 -40.19 -21.33
C GLN A 705 6.42 -39.46 -21.33
N GLN A 706 5.45 -39.96 -20.58
CA GLN A 706 4.11 -39.38 -20.57
C GLN A 706 3.96 -38.20 -19.63
N LEU A 707 4.94 -37.95 -18.76
CA LEU A 707 5.00 -36.76 -17.92
C LEU A 707 3.92 -36.71 -16.86
N THR A 708 3.22 -37.81 -16.59
CA THR A 708 2.16 -37.81 -15.60
C THR A 708 2.75 -37.91 -14.21
N ARG A 709 2.46 -36.91 -13.37
CA ARG A 709 3.01 -36.88 -12.02
C ARG A 709 2.28 -37.83 -11.07
N ASP A 710 0.98 -38.04 -11.27
CA ASP A 710 0.21 -38.82 -10.31
C ASP A 710 0.72 -40.25 -10.18
N THR A 711 1.19 -40.85 -11.28
CA THR A 711 1.62 -42.24 -11.22
C THR A 711 2.84 -42.41 -10.32
N VAL A 712 3.77 -41.47 -10.35
CA VAL A 712 5.00 -41.62 -9.56
C VAL A 712 4.69 -41.49 -8.08
N GLU A 713 3.89 -40.51 -7.70
CA GLU A 713 3.56 -40.27 -6.29
C GLU A 713 2.38 -41.17 -5.89
N GLY A 714 2.65 -42.47 -5.87
CA GLY A 714 1.64 -43.45 -5.54
C GLY A 714 2.00 -44.28 -4.33
N ASP A 715 2.12 -45.60 -4.52
CA ASP A 715 2.46 -46.52 -3.43
C ASP A 715 3.95 -46.43 -3.16
N LEU A 716 4.30 -45.53 -2.24
CA LEU A 716 5.68 -45.28 -1.88
C LEU A 716 6.04 -46.08 -0.62
N SER A 717 7.30 -45.97 -0.21
CA SER A 717 7.80 -46.60 1.01
C SER A 717 8.58 -45.57 1.80
N LEU A 718 8.19 -45.37 3.05
CA LEU A 718 8.86 -44.38 3.90
C LEU A 718 10.27 -44.83 4.22
N LEU A 719 11.21 -43.88 4.19
CA LEU A 719 12.62 -44.17 4.39
C LEU A 719 13.20 -43.56 5.65
N GLY A 720 12.84 -42.32 5.97
CA GLY A 720 13.37 -41.69 7.16
C GLY A 720 12.93 -40.24 7.25
N LEU A 721 13.47 -39.54 8.24
CA LEU A 721 13.15 -38.15 8.49
C LEU A 721 14.45 -37.35 8.63
N LEU A 722 14.43 -36.12 8.10
CA LEU A 722 15.51 -35.17 8.26
C LEU A 722 15.13 -34.17 9.35
N VAL A 723 16.04 -33.92 10.27
CA VAL A 723 15.82 -33.04 11.41
C VAL A 723 16.67 -31.79 11.20
N MET A 724 16.02 -30.63 11.22
CA MET A 724 16.69 -29.35 11.04
C MET A 724 16.45 -28.47 12.26
N ARG A 725 17.38 -27.57 12.51
CA ARG A 725 17.31 -26.61 13.61
C ARG A 725 17.15 -25.21 13.02
N ASN A 726 16.11 -24.50 13.47
CA ASN A 726 15.79 -23.17 12.96
C ASN A 726 15.60 -22.26 14.16
N LEU A 727 16.49 -21.29 14.32
CA LEU A 727 16.51 -20.42 15.49
C LEU A 727 15.79 -19.11 15.21
N LEU A 728 15.32 -18.49 16.28
CA LEU A 728 14.64 -17.21 16.17
C LEU A 728 15.64 -16.09 15.94
N LYS A 729 15.25 -15.10 15.13
CA LYS A 729 16.07 -13.92 14.96
C LYS A 729 16.13 -13.13 16.27
N PRO A 730 17.29 -12.58 16.62
CA PRO A 730 17.38 -11.89 17.93
C PRO A 730 16.42 -10.73 18.08
N GLN A 731 16.06 -10.05 16.98
CA GLN A 731 15.17 -8.91 17.06
C GLN A 731 13.70 -9.32 17.11
N THR A 732 13.38 -10.61 16.97
CA THR A 732 11.99 -11.03 16.92
C THR A 732 11.29 -10.81 18.25
N THR A 733 11.87 -11.30 19.35
CA THR A 733 11.15 -11.27 20.62
C THR A 733 10.92 -9.85 21.12
N PRO A 734 11.91 -8.94 21.13
CA PRO A 734 11.63 -7.59 21.64
C PRO A 734 10.54 -6.87 20.85
N VAL A 735 10.52 -7.06 19.53
CA VAL A 735 9.52 -6.39 18.69
C VAL A 735 8.13 -6.91 19.04
N ILE A 736 7.99 -8.23 19.18
CA ILE A 736 6.69 -8.80 19.53
C ILE A 736 6.25 -8.32 20.90
N GLN A 737 7.17 -8.30 21.87
CA GLN A 737 6.81 -7.86 23.20
C GLN A 737 6.37 -6.40 23.20
N ALA A 738 7.08 -5.53 22.47
CA ALA A 738 6.69 -4.13 22.41
C ALA A 738 5.34 -3.97 21.72
N LEU A 739 5.12 -4.69 20.62
CA LEU A 739 3.86 -4.57 19.90
C LEU A 739 2.70 -5.06 20.75
N ARG A 740 2.88 -6.19 21.45
CA ARG A 740 1.79 -6.75 22.24
C ARG A 740 1.51 -5.92 23.48
N ARG A 741 2.52 -5.24 24.02
CA ARG A 741 2.31 -4.45 25.23
C ARG A 741 1.31 -3.32 24.99
N THR A 742 1.22 -2.82 23.76
CA THR A 742 0.31 -1.74 23.41
C THR A 742 -1.06 -2.25 22.97
N ARG A 743 -1.42 -3.48 23.34
CA ARG A 743 -2.73 -4.06 23.03
C ARG A 743 -2.97 -4.09 21.52
N ILE A 744 -2.00 -4.63 20.79
CA ILE A 744 -2.12 -4.88 19.36
C ILE A 744 -1.99 -6.38 19.15
N ARG A 745 -3.03 -7.01 18.62
CA ARG A 745 -3.04 -8.46 18.48
C ARG A 745 -2.00 -8.90 17.45
N ALA A 746 -1.28 -9.96 17.80
CA ALA A 746 -0.31 -10.58 16.91
C ALA A 746 -0.74 -12.03 16.67
N VAL A 747 -0.84 -12.42 15.40
CA VAL A 747 -1.31 -13.74 15.02
C VAL A 747 -0.30 -14.37 14.08
N MET A 748 -0.07 -15.67 14.26
CA MET A 748 0.86 -16.42 13.42
C MET A 748 0.09 -17.19 12.36
N VAL A 749 0.41 -16.93 11.10
CA VAL A 749 -0.15 -17.67 9.97
C VAL A 749 1.01 -18.39 9.31
N THR A 750 1.03 -19.71 9.43
CA THR A 750 2.13 -20.53 8.93
C THR A 750 1.58 -21.85 8.40
N GLY A 751 2.30 -22.43 7.46
CA GLY A 751 1.99 -23.74 6.94
C GLY A 751 2.82 -24.87 7.53
N ASP A 752 3.75 -24.56 8.42
CA ASP A 752 4.58 -25.57 9.05
C ASP A 752 3.73 -26.44 9.99
N ASN A 753 4.38 -27.42 10.61
CA ASN A 753 3.69 -28.29 11.55
C ASN A 753 3.20 -27.48 12.75
N LEU A 754 2.05 -27.89 13.29
CA LEU A 754 1.42 -27.14 14.36
C LEU A 754 2.30 -27.09 15.61
N GLN A 755 2.96 -28.20 15.93
CA GLN A 755 3.80 -28.24 17.13
C GLN A 755 4.96 -27.24 17.02
N THR A 756 5.62 -27.20 15.87
CA THR A 756 6.73 -26.27 15.69
C THR A 756 6.24 -24.83 15.75
N ALA A 757 5.09 -24.56 15.13
CA ALA A 757 4.54 -23.20 15.18
C ALA A 757 4.21 -22.79 16.61
N VAL A 758 3.63 -23.70 17.39
CA VAL A 758 3.32 -23.39 18.78
C VAL A 758 4.59 -23.13 19.57
N THR A 759 5.62 -23.97 19.35
CA THR A 759 6.88 -23.77 20.06
C THR A 759 7.49 -22.42 19.72
N VAL A 760 7.48 -22.05 18.44
CA VAL A 760 8.04 -20.76 18.03
C VAL A 760 7.24 -19.62 18.65
N ALA A 761 5.91 -19.73 18.62
CA ALA A 761 5.08 -18.67 19.20
C ALA A 761 5.37 -18.52 20.70
N ARG A 762 5.55 -19.62 21.41
CA ARG A 762 5.95 -19.54 22.81
C ARG A 762 7.30 -18.87 22.94
N GLY A 763 8.24 -19.20 22.05
CA GLY A 763 9.55 -18.56 22.09
C GLY A 763 9.48 -17.08 21.78
N CYS A 764 8.64 -16.70 20.81
CA CYS A 764 8.50 -15.30 20.45
C CYS A 764 7.87 -14.45 21.54
N GLY A 765 7.28 -15.08 22.57
CA GLY A 765 6.59 -14.38 23.62
C GLY A 765 5.08 -14.43 23.50
N MET A 766 4.56 -14.86 22.35
CA MET A 766 3.12 -14.97 22.18
C MET A 766 2.56 -16.12 23.04
N VAL A 767 1.29 -16.00 23.40
CA VAL A 767 0.60 -17.01 24.18
C VAL A 767 1.35 -17.18 25.50
N ALA A 768 1.19 -16.21 26.40
CA ALA A 768 1.71 -16.32 27.75
C ALA A 768 0.75 -17.16 28.61
N PRO A 769 -0.56 -16.92 28.56
CA PRO A 769 -1.50 -17.71 29.35
C PRO A 769 -1.84 -19.02 28.65
N GLN A 770 -2.82 -19.73 29.22
CA GLN A 770 -3.22 -21.05 28.73
C GLN A 770 -3.55 -21.04 27.25
N GLU A 771 -3.46 -22.21 26.61
CA GLU A 771 -3.77 -22.35 25.19
C GLU A 771 -4.53 -23.65 24.98
N HIS A 772 -5.27 -23.70 23.88
CA HIS A 772 -6.10 -24.85 23.55
C HIS A 772 -5.99 -25.16 22.07
N LEU A 773 -6.35 -26.38 21.70
CA LEU A 773 -6.27 -26.86 20.33
C LEU A 773 -7.67 -27.30 19.86
N ILE A 774 -7.92 -27.05 18.57
CA ILE A 774 -9.14 -27.51 17.92
C ILE A 774 -8.71 -28.36 16.72
N ILE A 775 -9.25 -29.57 16.63
CA ILE A 775 -8.74 -30.59 15.71
C ILE A 775 -9.88 -31.18 14.90
N VAL A 776 -9.51 -31.80 13.78
CA VAL A 776 -10.47 -32.31 12.80
C VAL A 776 -10.91 -33.73 13.15
N HIS A 777 -10.58 -34.19 14.36
CA HIS A 777 -10.86 -35.57 14.73
C HIS A 777 -12.35 -35.82 14.93
N ALA A 778 -13.05 -36.14 13.85
CA ALA A 778 -14.46 -36.48 13.92
C ALA A 778 -14.87 -37.13 12.60
N THR A 779 -15.52 -38.29 12.70
CA THR A 779 -15.97 -39.02 11.53
C THR A 779 -17.41 -38.72 11.14
N HIS A 780 -18.15 -38.00 11.98
CA HIS A 780 -19.53 -37.68 11.67
C HIS A 780 -19.57 -36.79 10.42
N PRO A 781 -20.61 -36.91 9.58
CA PRO A 781 -20.63 -36.14 8.34
C PRO A 781 -20.47 -34.64 8.55
N GLU A 782 -20.94 -34.10 9.67
CA GLU A 782 -20.73 -32.69 10.00
C GLU A 782 -19.36 -32.43 10.63
N ARG A 783 -18.68 -33.48 11.10
CA ARG A 783 -17.35 -33.35 11.67
C ARG A 783 -17.33 -32.36 12.83
N GLY A 784 -18.06 -32.71 13.89
CA GLY A 784 -18.02 -31.92 15.11
C GLY A 784 -16.62 -31.79 15.65
N GLN A 785 -16.17 -30.57 15.89
CA GLN A 785 -14.78 -30.32 16.24
C GLN A 785 -14.60 -30.38 17.75
N PRO A 786 -13.83 -31.32 18.28
CA PRO A 786 -13.53 -31.31 19.72
C PRO A 786 -12.44 -30.32 20.06
N ALA A 787 -12.33 -30.02 21.36
CA ALA A 787 -11.32 -29.12 21.89
C ALA A 787 -10.50 -29.83 22.96
N SER A 788 -9.19 -29.62 22.92
CA SER A 788 -8.27 -30.25 23.85
C SER A 788 -7.34 -29.20 24.46
N LEU A 789 -7.04 -29.37 25.74
CA LEU A 789 -6.15 -28.46 26.44
C LEU A 789 -4.71 -28.78 26.08
N GLU A 790 -3.96 -27.77 25.60
CA GLU A 790 -2.59 -27.98 25.20
C GLU A 790 -1.77 -28.60 26.33
N PHE A 791 -1.76 -27.95 27.49
CA PHE A 791 -1.01 -28.46 28.63
C PHE A 791 -1.57 -27.89 29.94
N GLU A 815 -15.23 -30.15 32.55
CA GLU A 815 -14.27 -29.07 32.71
C GLU A 815 -14.89 -27.73 32.32
N PRO A 816 -14.38 -26.64 32.88
CA PRO A 816 -14.92 -25.31 32.56
C PRO A 816 -14.37 -24.80 31.23
N ASP A 817 -14.94 -23.68 30.78
CA ASP A 817 -14.50 -23.01 29.57
C ASP A 817 -13.61 -21.84 29.95
N PRO A 818 -12.28 -21.99 29.91
CA PRO A 818 -11.41 -20.86 30.31
C PRO A 818 -11.47 -19.71 29.32
N ARG A 819 -12.01 -18.56 29.77
CA ARG A 819 -12.18 -17.42 28.89
C ARG A 819 -10.86 -16.73 28.56
N SER A 820 -9.77 -17.08 29.24
CA SER A 820 -8.45 -16.56 28.94
C SER A 820 -7.69 -17.42 27.95
N ARG A 821 -8.32 -18.45 27.39
CA ARG A 821 -7.65 -19.40 26.53
C ARG A 821 -7.26 -18.75 25.21
N HIS A 822 -6.18 -19.28 24.62
CA HIS A 822 -5.79 -18.97 23.25
C HIS A 822 -6.03 -20.20 22.38
N LEU A 823 -6.46 -19.96 21.15
CA LEU A 823 -6.86 -21.03 20.24
C LEU A 823 -5.87 -21.14 19.09
N ALA A 824 -5.49 -22.37 18.77
CA ALA A 824 -4.64 -22.69 17.63
C ALA A 824 -5.38 -23.67 16.74
N LEU A 825 -5.40 -23.39 15.43
CA LEU A 825 -6.15 -24.18 14.47
C LEU A 825 -5.23 -24.67 13.36
N SER A 826 -5.59 -25.82 12.79
CA SER A 826 -4.88 -26.37 11.64
C SER A 826 -5.55 -25.93 10.34
N GLY A 827 -4.86 -26.19 9.23
CA GLY A 827 -5.36 -25.82 7.92
C GLY A 827 -6.74 -26.39 7.64
N PRO A 828 -6.84 -27.72 7.54
CA PRO A 828 -8.16 -28.32 7.32
C PRO A 828 -9.17 -27.98 8.39
N THR A 829 -8.74 -27.83 9.64
CA THR A 829 -9.67 -27.46 10.71
C THR A 829 -10.32 -26.12 10.41
N PHE A 830 -9.52 -25.12 10.04
CA PHE A 830 -10.08 -23.83 9.65
C PHE A 830 -10.90 -23.93 8.38
N GLY A 831 -10.51 -24.84 7.48
CA GLY A 831 -11.24 -24.99 6.22
C GLY A 831 -12.61 -25.62 6.36
N ILE A 832 -12.82 -26.42 7.41
CA ILE A 832 -14.10 -27.10 7.58
C ILE A 832 -14.98 -26.32 8.53
N ILE A 833 -14.37 -25.67 9.53
CA ILE A 833 -15.15 -24.87 10.48
C ILE A 833 -15.83 -23.71 9.75
N VAL A 834 -15.10 -23.04 8.86
CA VAL A 834 -15.68 -21.94 8.09
C VAL A 834 -16.84 -22.44 7.23
N LYS A 835 -16.83 -23.71 6.86
CA LYS A 835 -17.85 -24.28 5.97
C LYS A 835 -19.07 -24.79 6.74
N HIS A 836 -18.86 -25.55 7.80
CA HIS A 836 -19.95 -26.22 8.49
C HIS A 836 -20.45 -25.49 9.73
N PHE A 837 -19.65 -24.58 10.30
CA PHE A 837 -20.00 -23.87 11.53
C PHE A 837 -19.78 -22.38 11.33
N PRO A 838 -20.60 -21.74 10.48
CA PRO A 838 -20.42 -20.30 10.25
C PRO A 838 -20.58 -19.46 11.50
N LYS A 839 -21.51 -19.82 12.40
CA LYS A 839 -21.79 -18.99 13.56
C LYS A 839 -20.81 -19.22 14.71
N LEU A 840 -20.03 -20.31 14.68
CA LEU A 840 -18.95 -20.50 15.63
C LEU A 840 -17.65 -19.83 15.17
N LEU A 841 -17.56 -19.49 13.89
CA LEU A 841 -16.35 -18.85 13.36
C LEU A 841 -16.08 -17.50 14.00
N PRO A 842 -17.04 -16.58 14.12
CA PRO A 842 -16.67 -15.22 14.56
C PRO A 842 -15.96 -15.18 15.91
N LYS A 843 -16.33 -16.06 16.84
CA LYS A 843 -15.67 -16.09 18.15
C LYS A 843 -14.48 -17.03 18.18
N VAL A 844 -14.07 -17.55 17.03
CA VAL A 844 -12.84 -18.33 16.91
C VAL A 844 -11.71 -17.48 16.33
N LEU A 845 -12.02 -16.63 15.34
CA LEU A 845 -11.01 -15.72 14.81
C LEU A 845 -10.55 -14.73 15.87
N VAL A 846 -11.47 -14.24 16.69
CA VAL A 846 -11.14 -13.28 17.74
C VAL A 846 -10.15 -13.87 18.73
N GLN A 847 -10.20 -15.18 18.95
CA GLN A 847 -9.33 -15.84 19.91
C GLN A 847 -8.20 -16.65 19.27
N GLY A 848 -8.18 -16.78 17.94
CA GLY A 848 -7.12 -17.55 17.31
C GLY A 848 -5.81 -16.78 17.31
N THR A 849 -4.73 -17.50 17.57
CA THR A 849 -3.40 -16.92 17.61
C THR A 849 -2.40 -17.66 16.73
N VAL A 850 -2.51 -18.99 16.63
CA VAL A 850 -1.58 -19.80 15.85
C VAL A 850 -2.37 -20.55 14.79
N PHE A 851 -2.04 -20.31 13.53
CA PHE A 851 -2.62 -21.00 12.39
C PHE A 851 -1.53 -21.80 11.70
N ALA A 852 -1.73 -23.11 11.62
CA ALA A 852 -0.73 -24.02 11.06
C ALA A 852 -1.30 -24.78 9.87
N ARG A 853 -0.40 -25.22 9.00
CA ARG A 853 -0.76 -25.98 7.80
C ARG A 853 -1.73 -25.20 6.92
N MET A 854 -1.54 -23.88 6.86
CA MET A 854 -2.42 -23.02 6.07
C MET A 854 -1.95 -23.01 4.62
N ALA A 855 -2.86 -23.36 3.71
CA ALA A 855 -2.55 -23.33 2.29
C ALA A 855 -2.39 -21.89 1.81
N PRO A 856 -1.68 -21.66 0.71
CA PRO A 856 -1.51 -20.28 0.23
C PRO A 856 -2.82 -19.57 -0.03
N GLU A 857 -3.83 -20.28 -0.54
CA GLU A 857 -5.12 -19.64 -0.78
C GLU A 857 -5.87 -19.39 0.51
N GLN A 858 -5.61 -20.19 1.55
CA GLN A 858 -6.30 -20.01 2.82
C GLN A 858 -5.83 -18.75 3.55
N LYS A 859 -4.56 -18.36 3.36
CA LYS A 859 -4.07 -17.15 4.00
C LYS A 859 -4.87 -15.94 3.54
N THR A 860 -5.12 -15.82 2.23
CA THR A 860 -5.96 -14.75 1.74
C THR A 860 -7.38 -14.86 2.29
N GLU A 861 -7.91 -16.09 2.36
CA GLU A 861 -9.23 -16.28 2.94
C GLU A 861 -9.26 -15.85 4.40
N LEU A 862 -8.22 -16.22 5.16
CA LEU A 862 -8.16 -15.81 6.56
C LEU A 862 -8.09 -14.29 6.69
N VAL A 863 -7.28 -13.65 5.85
CA VAL A 863 -7.17 -12.19 5.92
C VAL A 863 -8.50 -11.53 5.61
N CYS A 864 -9.18 -12.01 4.56
CA CYS A 864 -10.47 -11.43 4.20
C CYS A 864 -11.51 -11.66 5.29
N GLU A 865 -11.52 -12.85 5.89
CA GLU A 865 -12.49 -13.15 6.93
C GLU A 865 -12.30 -12.24 8.15
N LEU A 866 -11.05 -11.99 8.53
CA LEU A 866 -10.78 -11.11 9.66
C LEU A 866 -11.31 -9.71 9.40
N GLN A 867 -11.13 -9.20 8.17
CA GLN A 867 -11.62 -7.88 7.83
C GLN A 867 -13.13 -7.78 7.94
N LYS A 868 -13.85 -8.89 7.78
CA LYS A 868 -15.31 -8.86 7.94
C LYS A 868 -15.72 -8.52 9.36
N LEU A 869 -14.82 -8.70 10.33
CA LEU A 869 -15.05 -8.26 11.71
C LEU A 869 -14.72 -6.79 11.92
N GLN A 870 -14.59 -6.01 10.85
CA GLN A 870 -14.22 -4.60 10.90
C GLN A 870 -12.82 -4.39 11.43
N TYR A 871 -11.96 -5.41 11.34
CA TYR A 871 -10.58 -5.30 11.76
C TYR A 871 -9.75 -4.53 10.73
N CYS A 872 -8.67 -3.92 11.21
CA CYS A 872 -7.67 -3.28 10.37
C CYS A 872 -6.42 -4.15 10.46
N VAL A 873 -6.17 -4.95 9.43
CA VAL A 873 -5.17 -6.02 9.46
C VAL A 873 -4.03 -5.65 8.52
N GLY A 874 -2.81 -5.72 9.04
CA GLY A 874 -1.61 -5.63 8.23
C GLY A 874 -0.83 -6.92 8.33
N MET A 875 -0.09 -7.24 7.27
CA MET A 875 0.64 -8.49 7.19
C MET A 875 2.07 -8.24 6.74
N CYS A 876 3.00 -9.01 7.31
CA CYS A 876 4.41 -8.98 6.93
C CYS A 876 4.79 -10.36 6.43
N GLY A 877 5.09 -10.46 5.14
CA GLY A 877 5.41 -11.73 4.53
C GLY A 877 6.71 -11.67 3.75
N ASP A 878 7.31 -12.84 3.57
CA ASP A 878 8.58 -12.97 2.88
C ASP A 878 8.48 -13.84 1.63
N GLY A 879 7.83 -15.01 1.73
CA GLY A 879 7.76 -15.92 0.61
C GLY A 879 6.76 -15.50 -0.45
N ALA A 880 6.79 -16.23 -1.56
CA ALA A 880 5.89 -15.96 -2.67
C ALA A 880 4.50 -16.54 -2.46
N ASN A 881 4.35 -17.49 -1.53
CA ASN A 881 3.06 -18.12 -1.30
C ASN A 881 2.03 -17.14 -0.74
N ASP A 882 2.48 -16.13 0.02
CA ASP A 882 1.58 -15.20 0.70
C ASP A 882 1.48 -13.87 -0.04
N CYS A 883 1.86 -13.84 -1.32
CA CYS A 883 1.73 -12.60 -2.09
C CYS A 883 0.28 -12.14 -2.17
N GLY A 884 -0.64 -13.09 -2.38
CA GLY A 884 -2.04 -12.74 -2.42
C GLY A 884 -2.55 -12.18 -1.10
N ALA A 885 -2.08 -12.75 0.02
CA ALA A 885 -2.50 -12.26 1.33
C ALA A 885 -2.07 -10.81 1.54
N LEU A 886 -0.87 -10.46 1.08
CA LEU A 886 -0.39 -9.09 1.24
C LEU A 886 -1.31 -8.10 0.55
N LYS A 887 -1.78 -8.43 -0.66
CA LYS A 887 -2.68 -7.54 -1.37
C LYS A 887 -3.99 -7.34 -0.61
N ALA A 888 -4.54 -8.41 -0.05
CA ALA A 888 -5.80 -8.30 0.67
C ALA A 888 -5.66 -7.47 1.93
N ALA A 889 -4.52 -7.58 2.63
CA ALA A 889 -4.33 -6.85 3.86
C ALA A 889 -4.30 -5.34 3.59
N ASP A 890 -4.68 -4.57 4.61
CA ASP A 890 -4.70 -3.12 4.48
C ASP A 890 -3.31 -2.58 4.15
N VAL A 891 -2.29 -3.09 4.84
CA VAL A 891 -0.91 -2.72 4.57
C VAL A 891 -0.09 -4.01 4.46
N GLY A 892 0.68 -4.13 3.39
CA GLY A 892 1.51 -5.30 3.17
C GLY A 892 2.98 -4.93 3.05
N ILE A 893 3.82 -5.58 3.87
CA ILE A 893 5.24 -5.26 3.95
C ILE A 893 6.04 -6.49 3.55
N SER A 894 6.99 -6.29 2.63
CA SER A 894 7.90 -7.34 2.20
C SER A 894 9.29 -7.07 2.76
N LEU A 895 9.91 -8.10 3.32
CA LEU A 895 11.18 -7.96 4.02
C LEU A 895 12.39 -8.25 3.14
N SER A 896 12.32 -9.29 2.31
CA SER A 896 13.45 -9.70 1.49
C SER A 896 13.59 -8.90 0.21
N GLN A 897 12.68 -7.98 -0.08
CA GLN A 897 12.70 -7.26 -1.34
C GLN A 897 13.61 -6.04 -1.24
N ALA A 898 14.16 -5.63 -2.39
CA ALA A 898 15.21 -4.62 -2.43
C ALA A 898 14.79 -3.34 -3.16
N GLU A 899 13.54 -3.23 -3.59
CA GLU A 899 13.11 -2.05 -4.33
C GLU A 899 11.61 -1.86 -4.16
N ALA A 900 11.15 -0.65 -4.50
CA ALA A 900 9.73 -0.33 -4.43
C ALA A 900 8.98 -0.99 -5.58
N SER A 901 8.77 -2.30 -5.48
CA SER A 901 8.16 -3.07 -6.56
C SER A 901 6.64 -2.89 -6.55
N VAL A 902 5.96 -3.70 -7.35
CA VAL A 902 4.51 -3.63 -7.46
C VAL A 902 3.79 -4.71 -6.65
N VAL A 903 4.52 -5.68 -6.11
CA VAL A 903 3.87 -6.80 -5.42
C VAL A 903 3.11 -6.31 -4.20
N SER A 904 3.74 -5.43 -3.40
CA SER A 904 3.14 -4.96 -2.16
C SER A 904 3.26 -3.45 -2.06
N PRO A 905 2.33 -2.78 -1.38
CA PRO A 905 2.44 -1.33 -1.22
C PRO A 905 3.68 -0.89 -0.46
N PHE A 906 4.12 -1.68 0.52
CA PHE A 906 5.27 -1.36 1.35
C PHE A 906 6.36 -2.39 1.11
N THR A 907 7.61 -1.92 1.02
CA THR A 907 8.77 -2.79 0.87
C THR A 907 9.82 -2.35 1.89
N SER A 908 10.39 -3.32 2.60
CA SER A 908 11.39 -3.08 3.62
C SER A 908 12.72 -3.67 3.16
N SER A 909 13.76 -2.84 3.13
CA SER A 909 15.08 -3.30 2.72
C SER A 909 15.79 -4.08 3.81
N MET A 910 15.35 -3.96 5.06
CA MET A 910 15.94 -4.68 6.18
C MET A 910 15.13 -5.94 6.45
N ALA A 911 15.82 -7.08 6.56
CA ALA A 911 15.16 -8.37 6.75
C ALA A 911 14.90 -8.61 8.23
N SER A 912 13.98 -7.83 8.78
CA SER A 912 13.57 -7.98 10.16
C SER A 912 12.17 -7.41 10.33
N ILE A 913 11.47 -7.89 11.36
CA ILE A 913 10.11 -7.43 11.63
C ILE A 913 10.08 -6.14 12.42
N GLU A 914 11.23 -5.53 12.70
CA GLU A 914 11.26 -4.28 13.47
C GLU A 914 10.73 -3.09 12.69
N CYS A 915 10.47 -3.24 11.39
CA CYS A 915 9.96 -2.14 10.59
C CYS A 915 8.48 -1.85 10.84
N VAL A 916 7.71 -2.85 11.27
CA VAL A 916 6.27 -2.62 11.49
C VAL A 916 6.03 -1.55 12.54
N PRO A 917 6.67 -1.56 13.71
CA PRO A 917 6.50 -0.43 14.64
C PRO A 917 6.86 0.90 14.03
N MET A 918 7.90 0.94 13.18
CA MET A 918 8.25 2.18 12.52
C MET A 918 7.11 2.68 11.65
N VAL A 919 6.48 1.78 10.89
CA VAL A 919 5.37 2.16 10.02
C VAL A 919 4.21 2.69 10.87
N ILE A 920 3.89 1.97 11.95
CA ILE A 920 2.75 2.37 12.79
C ILE A 920 3.00 3.76 13.39
N ARG A 921 4.17 3.95 13.97
CA ARG A 921 4.48 5.24 14.61
C ARG A 921 4.49 6.36 13.58
N GLU A 922 5.06 6.11 12.40
CA GLU A 922 5.08 7.14 11.36
C GLU A 922 3.67 7.50 10.93
N GLY A 923 2.79 6.51 10.77
CA GLY A 923 1.43 6.79 10.37
C GLY A 923 0.69 7.63 11.39
N ARG A 924 0.79 7.25 12.67
CA ARG A 924 0.09 8.03 13.69
C ARG A 924 0.68 9.42 13.83
N CYS A 925 2.00 9.55 13.69
CA CYS A 925 2.62 10.88 13.73
C CYS A 925 2.12 11.75 12.58
N SER A 926 2.00 11.17 11.38
CA SER A 926 1.49 11.92 10.24
C SER A 926 0.05 12.35 10.48
N LEU A 927 -0.77 11.46 11.05
CA LEU A 927 -2.16 11.82 11.34
C LEU A 927 -2.22 12.98 12.34
N ASP A 928 -1.41 12.90 13.40
CA ASP A 928 -1.39 13.97 14.38
C ASP A 928 -0.91 15.28 13.77
N THR A 929 0.10 15.21 12.90
CA THR A 929 0.59 16.42 12.24
C THR A 929 -0.50 17.03 11.35
N SER A 930 -1.26 16.19 10.65
CA SER A 930 -2.35 16.71 9.83
C SER A 930 -3.40 17.40 10.69
N PHE A 931 -3.76 16.79 11.82
CA PHE A 931 -4.74 17.42 12.70
C PHE A 931 -4.21 18.75 13.23
N SER A 932 -2.94 18.80 13.61
CA SER A 932 -2.34 20.04 14.07
C SER A 932 -2.36 21.10 12.98
N VAL A 933 -2.13 20.69 11.73
CA VAL A 933 -2.20 21.64 10.61
C VAL A 933 -3.60 22.19 10.48
N PHE A 934 -4.61 21.31 10.56
CA PHE A 934 -5.99 21.78 10.55
C PHE A 934 -6.20 22.86 11.60
N LYS A 935 -5.81 22.55 12.85
CA LYS A 935 -6.07 23.47 13.95
C LYS A 935 -5.35 24.79 13.75
N TYR A 936 -4.08 24.75 13.35
CA TYR A 936 -3.32 25.98 13.17
C TYR A 936 -3.91 26.83 12.05
N MET A 937 -4.28 26.20 10.93
CA MET A 937 -4.85 26.97 9.83
C MET A 937 -6.15 27.64 10.24
N ALA A 938 -7.02 26.90 10.94
CA ALA A 938 -8.27 27.49 11.41
C ALA A 938 -8.00 28.66 12.35
N LEU A 939 -7.06 28.48 13.28
CA LEU A 939 -6.75 29.54 14.24
C LEU A 939 -6.25 30.78 13.53
N TYR A 940 -5.33 30.61 12.58
CA TYR A 940 -4.79 31.76 11.86
C TYR A 940 -5.88 32.48 11.08
N SER A 941 -6.72 31.72 10.38
CA SER A 941 -7.78 32.34 9.59
C SER A 941 -8.71 33.15 10.48
N LEU A 942 -9.16 32.56 11.59
CA LEU A 942 -10.08 33.27 12.46
C LEU A 942 -9.41 34.47 13.12
N THR A 943 -8.12 34.36 13.44
CA THR A 943 -7.42 35.49 14.04
C THR A 943 -7.33 36.65 13.07
N GLN A 944 -6.99 36.38 11.82
CA GLN A 944 -6.93 37.45 10.82
C GLN A 944 -8.32 38.05 10.62
N PHE A 945 -9.35 37.21 10.57
CA PHE A 945 -10.71 37.71 10.43
C PHE A 945 -11.07 38.66 11.57
N ILE A 946 -10.77 38.25 12.80
CA ILE A 946 -11.13 39.06 13.97
C ILE A 946 -10.34 40.37 13.98
N SER A 947 -9.06 40.32 13.62
CA SER A 947 -8.27 41.54 13.58
C SER A 947 -8.83 42.52 12.55
N VAL A 948 -9.13 42.02 11.34
CA VAL A 948 -9.67 42.89 10.31
C VAL A 948 -11.02 43.46 10.74
N LEU A 949 -11.85 42.65 11.41
CA LEU A 949 -13.14 43.15 11.88
C LEU A 949 -12.96 44.21 12.95
N ILE A 950 -12.00 44.01 13.85
CA ILE A 950 -11.74 45.00 14.90
C ILE A 950 -11.33 46.33 14.27
N LEU A 951 -10.46 46.27 13.25
CA LEU A 951 -10.13 47.49 12.52
C LEU A 951 -11.37 48.08 11.85
N TYR A 952 -12.27 47.22 11.36
CA TYR A 952 -13.48 47.71 10.71
C TYR A 952 -14.42 48.37 11.71
N THR A 953 -14.35 47.99 12.98
CA THR A 953 -15.25 48.58 13.97
C THR A 953 -15.05 50.08 14.07
N ILE A 954 -13.80 50.53 14.06
CA ILE A 954 -13.49 51.96 14.01
C ILE A 954 -13.64 52.40 12.56
N ASN A 955 -12.60 53.01 12.00
CA ASN A 955 -12.58 53.32 10.56
C ASN A 955 -11.12 53.26 10.11
N THR A 956 -10.71 52.08 9.64
CA THR A 956 -9.35 51.86 9.18
C THR A 956 -9.24 50.44 8.68
N ASN A 957 -8.26 50.19 7.81
CA ASN A 957 -7.97 48.85 7.33
C ASN A 957 -6.46 48.67 7.28
N LEU A 958 -6.02 47.43 7.47
CA LEU A 958 -4.59 47.13 7.45
C LEU A 958 -4.02 47.42 6.07
N GLY A 959 -2.80 47.93 6.04
CA GLY A 959 -2.16 48.23 4.77
C GLY A 959 -1.89 46.99 3.95
N ASP A 960 -1.80 47.19 2.63
CA ASP A 960 -1.56 46.07 1.74
C ASP A 960 -0.22 45.41 2.03
N LEU A 961 0.81 46.21 2.34
CA LEU A 961 2.10 45.65 2.69
C LEU A 961 2.02 44.85 3.98
N GLN A 962 1.23 45.31 4.94
CA GLN A 962 1.07 44.56 6.18
C GLN A 962 0.41 43.21 5.92
N PHE A 963 -0.62 43.18 5.08
CA PHE A 963 -1.23 41.92 4.69
C PHE A 963 -0.22 41.02 3.99
N LEU A 964 0.57 41.59 3.08
CA LEU A 964 1.60 40.82 2.39
C LEU A 964 2.54 40.16 3.39
N ALA A 965 3.08 40.94 4.32
CA ALA A 965 3.95 40.39 5.35
C ALA A 965 3.25 39.27 6.09
N ILE A 966 2.11 39.58 6.71
CA ILE A 966 1.44 38.63 7.60
C ILE A 966 1.17 37.31 6.88
N ASP A 967 0.67 37.38 5.65
CA ASP A 967 0.29 36.17 4.93
C ASP A 967 1.51 35.44 4.36
N LEU A 968 2.32 36.15 3.57
CA LEU A 968 3.41 35.50 2.85
C LEU A 968 4.47 34.95 3.80
N VAL A 969 4.91 35.75 4.77
CA VAL A 969 6.08 35.34 5.54
C VAL A 969 5.65 34.59 6.80
N ILE A 970 4.99 35.31 7.72
CA ILE A 970 4.80 34.79 9.07
C ILE A 970 3.97 33.51 9.04
N THR A 971 2.82 33.56 8.34
CA THR A 971 1.95 32.39 8.30
C THR A 971 2.58 31.26 7.48
N THR A 972 3.05 31.58 6.28
CA THR A 972 3.42 30.53 5.33
C THR A 972 4.70 29.81 5.77
N THR A 973 5.74 30.56 6.13
CA THR A 973 7.00 29.92 6.49
C THR A 973 6.82 29.02 7.71
N VAL A 974 6.03 29.47 8.69
CA VAL A 974 5.79 28.66 9.88
C VAL A 974 4.96 27.43 9.54
N ALA A 975 3.90 27.60 8.72
CA ALA A 975 3.04 26.48 8.40
C ALA A 975 3.78 25.41 7.61
N VAL A 976 4.60 25.81 6.65
CA VAL A 976 5.27 24.84 5.79
C VAL A 976 6.27 24.01 6.60
N LEU A 977 6.99 24.64 7.52
CA LEU A 977 8.03 23.98 8.28
C LEU A 977 7.50 23.24 9.52
N MET A 978 6.18 23.30 9.76
CA MET A 978 5.64 22.71 10.99
C MET A 978 5.72 21.19 10.96
N SER A 979 5.54 20.57 9.79
CA SER A 979 5.44 19.12 9.68
C SER A 979 6.81 18.43 9.60
N ARG A 980 7.88 19.11 9.99
CA ARG A 980 9.21 18.52 9.89
C ARG A 980 9.47 17.51 11.00
N THR A 981 8.93 17.76 12.20
CA THR A 981 9.22 16.89 13.33
C THR A 981 8.77 15.47 13.05
N GLY A 982 9.59 14.50 13.50
CA GLY A 982 9.33 13.10 13.26
C GLY A 982 8.50 12.45 14.35
N PRO A 983 8.34 11.13 14.25
CA PRO A 983 7.53 10.40 15.24
C PRO A 983 8.31 10.14 16.53
N ALA A 984 7.57 9.68 17.53
CA ALA A 984 8.17 9.34 18.82
C ALA A 984 8.97 8.05 18.71
N LEU A 985 9.81 7.82 19.72
CA LEU A 985 10.69 6.65 19.73
C LEU A 985 10.01 5.40 20.26
N VAL A 986 8.85 5.51 20.88
CA VAL A 986 8.16 4.36 21.47
C VAL A 986 6.67 4.49 21.22
N LEU A 987 6.01 3.36 21.00
CA LEU A 987 4.57 3.34 20.81
C LEU A 987 3.85 3.60 22.12
N GLY A 988 2.61 4.08 22.03
CA GLY A 988 1.82 4.39 23.20
C GLY A 988 0.46 3.71 23.15
N ARG A 989 -0.10 3.52 24.35
CA ARG A 989 -1.40 2.88 24.45
C ARG A 989 -2.49 3.72 23.78
N VAL A 990 -2.46 5.03 24.00
CA VAL A 990 -3.50 5.91 23.47
C VAL A 990 -3.38 5.99 21.96
N ARG A 991 -4.50 5.78 21.27
CA ARG A 991 -4.54 5.86 19.81
C ARG A 991 -4.73 7.30 19.36
N PRO A 992 -4.41 7.61 18.10
CA PRO A 992 -4.52 8.99 17.62
C PRO A 992 -5.96 9.45 17.59
N PRO A 993 -6.19 10.76 17.48
CA PRO A 993 -7.56 11.27 17.48
C PRO A 993 -8.35 10.79 16.27
N GLY A 994 -9.66 10.70 16.45
CA GLY A 994 -10.54 10.17 15.41
C GLY A 994 -11.02 11.21 14.41
N ALA A 995 -11.65 12.28 14.89
CA ALA A 995 -12.27 13.26 14.01
C ALA A 995 -12.16 14.64 14.62
N LEU A 996 -12.34 15.66 13.77
CA LEU A 996 -12.26 17.04 14.22
C LEU A 996 -13.41 17.42 15.14
N LEU A 997 -14.60 16.87 14.89
CA LEU A 997 -15.79 17.25 15.65
C LEU A 997 -15.70 16.87 17.12
N SER A 998 -14.61 16.22 17.55
CA SER A 998 -14.45 15.91 18.96
C SER A 998 -14.49 17.18 19.79
N VAL A 999 -15.17 17.11 20.94
CA VAL A 999 -15.36 18.30 21.77
C VAL A 999 -14.04 18.96 22.11
N PRO A 1000 -12.99 18.24 22.50
CA PRO A 1000 -11.75 18.92 22.91
C PRO A 1000 -11.18 19.87 21.86
N VAL A 1001 -11.20 19.49 20.58
CA VAL A 1001 -10.60 20.34 19.55
C VAL A 1001 -11.36 21.66 19.42
N LEU A 1002 -12.68 21.57 19.29
CA LEU A 1002 -13.48 22.80 19.13
C LEU A 1002 -13.41 23.65 20.39
N SER A 1003 -13.46 23.01 21.56
CA SER A 1003 -13.36 23.77 22.81
C SER A 1003 -12.03 24.50 22.92
N SER A 1004 -10.94 23.82 22.56
CA SER A 1004 -9.63 24.48 22.59
C SER A 1004 -9.57 25.63 21.60
N LEU A 1005 -10.11 25.44 20.40
CA LEU A 1005 -10.13 26.52 19.42
C LEU A 1005 -10.87 27.73 19.96
N LEU A 1006 -12.07 27.51 20.51
CA LEU A 1006 -12.88 28.62 21.01
C LEU A 1006 -12.19 29.31 22.18
N LEU A 1007 -11.60 28.54 23.09
CA LEU A 1007 -10.91 29.14 24.24
C LEU A 1007 -9.70 29.95 23.79
N GLN A 1008 -8.91 29.42 22.85
CA GLN A 1008 -7.77 30.17 22.33
C GLN A 1008 -8.23 31.46 21.67
N MET A 1009 -9.34 31.41 20.92
CA MET A 1009 -9.83 32.62 20.28
C MET A 1009 -10.34 33.62 21.32
N VAL A 1010 -10.97 33.14 22.39
CA VAL A 1010 -11.40 34.04 23.45
C VAL A 1010 -10.20 34.75 24.05
N LEU A 1011 -9.13 33.99 24.32
CA LEU A 1011 -7.92 34.60 24.86
C LEU A 1011 -7.33 35.61 23.88
N VAL A 1012 -7.28 35.27 22.60
CA VAL A 1012 -6.68 36.16 21.61
C VAL A 1012 -7.47 37.46 21.50
N THR A 1013 -8.79 37.36 21.41
CA THR A 1013 -9.61 38.56 21.29
C THR A 1013 -9.55 39.40 22.56
N GLY A 1014 -9.51 38.75 23.73
CA GLY A 1014 -9.35 39.49 24.96
C GLY A 1014 -8.04 40.27 24.99
N VAL A 1015 -6.95 39.62 24.58
CA VAL A 1015 -5.65 40.28 24.56
C VAL A 1015 -5.68 41.47 23.59
N GLN A 1016 -6.24 41.26 22.40
CA GLN A 1016 -6.28 42.33 21.41
C GLN A 1016 -7.10 43.51 21.91
N LEU A 1017 -8.28 43.23 22.49
CA LEU A 1017 -9.13 44.31 22.95
C LEU A 1017 -8.50 45.05 24.13
N GLY A 1018 -7.85 44.33 25.03
CA GLY A 1018 -7.16 44.99 26.13
C GLY A 1018 -6.04 45.88 25.63
N GLY A 1019 -5.25 45.39 24.69
CA GLY A 1019 -4.20 46.22 24.12
C GLY A 1019 -4.74 47.45 23.43
N TYR A 1020 -5.84 47.29 22.69
CA TYR A 1020 -6.46 48.43 22.00
C TYR A 1020 -6.96 49.46 23.00
N PHE A 1021 -7.65 49.01 24.05
CA PHE A 1021 -8.22 49.94 25.01
C PHE A 1021 -7.15 50.61 25.86
N LEU A 1022 -6.02 49.94 26.10
CA LEU A 1022 -4.96 50.54 26.90
C LEU A 1022 -4.40 51.78 26.23
N THR A 1023 -4.43 51.84 24.89
CA THR A 1023 -3.85 52.97 24.18
C THR A 1023 -4.56 54.27 24.52
N LEU A 1024 -5.88 54.22 24.71
CA LEU A 1024 -6.66 55.45 24.91
C LEU A 1024 -6.21 56.23 26.14
N ALA A 1025 -5.55 55.56 27.11
CA ALA A 1025 -5.11 56.27 28.30
C ALA A 1025 -4.09 57.35 27.99
N GLN A 1026 -3.14 57.07 27.11
CA GLN A 1026 -2.09 58.02 26.78
C GLN A 1026 -2.63 59.13 25.89
N PRO A 1027 -1.97 60.31 25.87
CA PRO A 1027 -2.29 61.31 24.86
C PRO A 1027 -1.88 60.83 23.48
N TRP A 1028 -2.86 60.57 22.61
CA TRP A 1028 -2.59 59.86 21.37
C TRP A 1028 -3.30 60.45 20.15
N PHE A 1029 -3.90 61.64 20.27
CA PHE A 1029 -4.68 62.19 19.16
C PHE A 1029 -5.79 61.21 18.79
N VAL A 1030 -6.39 61.38 17.62
CA VAL A 1030 -7.40 60.44 17.13
C VAL A 1030 -7.27 60.32 15.62
N PRO A 1031 -7.66 59.16 15.08
CA PRO A 1031 -7.71 59.03 13.62
C PRO A 1031 -8.77 59.94 13.02
N LEU A 1032 -8.51 60.38 11.79
CA LEU A 1032 -9.40 61.32 11.10
C LEU A 1032 -10.60 60.54 10.53
N ASN A 1033 -11.47 60.12 11.45
CA ASN A 1033 -12.67 59.40 11.07
C ASN A 1033 -13.68 60.36 10.45
N ARG A 1034 -14.39 59.88 9.43
CA ARG A 1034 -15.41 60.63 8.71
C ARG A 1034 -14.85 61.84 7.96
N THR A 1035 -13.52 61.97 7.89
CA THR A 1035 -12.87 63.02 7.13
C THR A 1035 -12.25 62.48 5.85
N VAL A 1036 -11.43 61.44 5.94
CA VAL A 1036 -10.90 60.73 4.80
C VAL A 1036 -11.51 59.34 4.68
N ALA A 1037 -11.49 58.57 5.76
CA ALA A 1037 -12.16 57.27 5.82
C ALA A 1037 -11.73 56.38 4.65
N ALA A 1038 -10.45 56.38 4.38
CA ALA A 1038 -9.85 55.58 3.31
C ALA A 1038 -8.56 54.98 3.81
N PRO A 1039 -8.06 53.91 3.15
CA PRO A 1039 -6.78 53.29 3.55
C PRO A 1039 -5.57 54.10 3.10
N ASP A 1040 -5.60 55.41 3.35
CA ASP A 1040 -4.47 56.29 3.14
C ASP A 1040 -4.05 57.01 4.40
N ASN A 1041 -4.90 57.05 5.43
CA ASN A 1041 -4.54 57.57 6.74
C ASN A 1041 -3.96 56.50 7.65
N LEU A 1042 -3.36 55.46 7.06
CA LEU A 1042 -2.82 54.36 7.86
C LEU A 1042 -1.81 54.81 8.91
N PRO A 1043 -1.05 55.90 8.72
CA PRO A 1043 -0.12 56.33 9.79
C PRO A 1043 -0.87 56.81 11.03
N ASN A 1044 -1.52 55.89 11.71
CA ASN A 1044 -2.28 56.19 12.92
C ASN A 1044 -1.96 55.15 13.98
N TYR A 1045 -2.45 55.40 15.20
CA TYR A 1045 -2.14 54.52 16.32
C TYR A 1045 -3.03 53.29 16.38
N GLU A 1046 -4.12 53.24 15.61
CA GLU A 1046 -4.99 52.07 15.62
C GLU A 1046 -4.30 50.87 14.99
N ASN A 1047 -3.93 50.98 13.71
CA ASN A 1047 -3.34 49.86 13.01
C ASN A 1047 -2.02 49.42 13.62
N THR A 1048 -1.26 50.36 14.18
CA THR A 1048 0.07 50.04 14.70
C THR A 1048 -0.01 49.00 15.81
N VAL A 1049 -0.75 49.30 16.87
CA VAL A 1049 -0.79 48.43 18.04
C VAL A 1049 -1.45 47.10 17.68
N VAL A 1050 -2.54 47.13 16.92
CA VAL A 1050 -3.24 45.90 16.57
C VAL A 1050 -2.34 45.00 15.73
N PHE A 1051 -1.66 45.57 14.74
CA PHE A 1051 -0.73 44.81 13.93
C PHE A 1051 0.39 44.22 14.78
N SER A 1052 0.95 45.02 15.70
CA SER A 1052 2.04 44.53 16.53
C SER A 1052 1.58 43.36 17.40
N LEU A 1053 0.37 43.45 17.95
CA LEU A 1053 -0.14 42.38 18.81
C LEU A 1053 -0.52 41.14 18.02
N SER A 1054 -1.03 41.31 16.79
CA SER A 1054 -1.45 40.16 16.00
C SER A 1054 -0.25 39.42 15.41
N SER A 1055 0.81 40.15 15.05
CA SER A 1055 1.98 39.49 14.50
C SER A 1055 2.59 38.51 15.51
N PHE A 1056 2.68 38.92 16.77
CA PHE A 1056 3.19 38.01 17.80
C PHE A 1056 2.24 36.83 17.99
N GLN A 1057 0.93 37.06 18.00
CA GLN A 1057 -0.02 35.99 18.19
C GLN A 1057 0.08 34.94 17.08
N TYR A 1058 0.35 35.38 15.85
CA TYR A 1058 0.48 34.44 14.75
C TYR A 1058 1.58 33.42 15.00
N LEU A 1059 2.66 33.83 15.67
CA LEU A 1059 3.74 32.91 16.02
C LEU A 1059 3.44 32.15 17.31
N ILE A 1060 2.78 32.79 18.27
CA ILE A 1060 2.49 32.13 19.54
C ILE A 1060 1.55 30.95 19.31
N LEU A 1061 0.52 31.14 18.48
CA LEU A 1061 -0.42 30.06 18.22
C LEU A 1061 0.27 28.86 17.57
N ALA A 1062 1.24 29.12 16.70
CA ALA A 1062 1.92 28.02 16.02
C ALA A 1062 2.59 27.08 17.02
N ALA A 1063 3.34 27.64 17.97
CA ALA A 1063 4.02 26.82 18.96
C ALA A 1063 3.03 26.08 19.85
N ALA A 1064 1.94 26.74 20.23
CA ALA A 1064 0.99 26.13 21.16
C ALA A 1064 0.38 24.86 20.58
N VAL A 1065 -0.01 24.90 19.30
CA VAL A 1065 -0.64 23.73 18.69
C VAL A 1065 0.36 22.74 18.12
N SER A 1066 1.54 23.20 17.71
CA SER A 1066 2.55 22.28 17.17
C SER A 1066 3.16 21.40 18.25
N LYS A 1067 3.04 21.78 19.52
CA LYS A 1067 3.63 21.01 20.61
C LYS A 1067 3.04 19.60 20.62
N GLY A 1068 3.92 18.60 20.78
CA GLY A 1068 3.48 17.23 20.84
C GLY A 1068 4.39 16.42 21.75
N ALA A 1069 3.91 15.22 22.11
CA ALA A 1069 4.65 14.36 23.01
C ALA A 1069 4.32 12.89 22.77
N PRO A 1070 3.07 12.46 22.96
CA PRO A 1070 2.77 11.03 22.77
C PRO A 1070 3.05 10.52 21.37
N PHE A 1071 2.88 11.35 20.35
CA PHE A 1071 3.02 10.92 18.96
C PHE A 1071 4.15 11.62 18.21
N ARG A 1072 4.58 12.81 18.64
CA ARG A 1072 5.58 13.58 17.94
C ARG A 1072 6.71 13.97 18.88
N ARG A 1073 7.90 14.18 18.31
CA ARG A 1073 9.04 14.60 19.08
C ARG A 1073 8.86 16.04 19.55
N PRO A 1074 9.60 16.47 20.58
CA PRO A 1074 9.46 17.85 21.08
C PRO A 1074 9.64 18.89 19.98
N LEU A 1075 9.15 20.10 20.24
CA LEU A 1075 9.21 21.16 19.22
C LEU A 1075 10.65 21.51 18.88
N TYR A 1076 11.55 21.44 19.85
CA TYR A 1076 12.95 21.83 19.65
C TYR A 1076 13.77 20.76 18.95
N THR A 1077 13.13 19.74 18.36
CA THR A 1077 13.88 18.70 17.67
C THR A 1077 14.29 19.17 16.27
N ASN A 1078 13.35 19.72 15.51
CA ASN A 1078 13.64 20.20 14.16
C ASN A 1078 14.22 21.60 14.24
N VAL A 1079 15.51 21.72 13.91
CA VAL A 1079 16.20 23.01 14.04
C VAL A 1079 15.56 24.09 13.18
N PRO A 1080 15.24 23.85 11.91
CA PRO A 1080 14.76 24.96 11.06
C PRO A 1080 13.53 25.66 11.61
N PHE A 1081 12.58 24.92 12.19
CA PHE A 1081 11.38 25.56 12.73
C PHE A 1081 11.74 26.48 13.90
N LEU A 1082 12.59 26.01 14.81
CA LEU A 1082 13.00 26.84 15.93
C LEU A 1082 13.76 28.08 15.45
N VAL A 1083 14.63 27.90 14.46
CA VAL A 1083 15.41 29.03 13.95
C VAL A 1083 14.48 30.07 13.33
N ALA A 1084 13.52 29.62 12.51
CA ALA A 1084 12.59 30.55 11.89
C ALA A 1084 11.75 31.26 12.94
N LEU A 1085 11.25 30.53 13.94
CA LEU A 1085 10.45 31.16 14.98
C LEU A 1085 11.26 32.21 15.73
N ALA A 1086 12.49 31.87 16.11
CA ALA A 1086 13.33 32.82 16.83
C ALA A 1086 13.63 34.05 15.99
N LEU A 1087 13.95 33.85 14.70
CA LEU A 1087 14.28 34.97 13.84
C LEU A 1087 13.08 35.90 13.67
N LEU A 1088 11.91 35.33 13.42
CA LEU A 1088 10.72 36.16 13.25
C LEU A 1088 10.37 36.89 14.54
N SER A 1089 10.45 36.21 15.68
CA SER A 1089 10.15 36.87 16.95
C SER A 1089 11.14 38.00 17.23
N SER A 1090 12.43 37.77 16.94
CA SER A 1090 13.43 38.81 17.17
C SER A 1090 13.19 40.00 16.25
N VAL A 1091 12.84 39.75 14.99
CA VAL A 1091 12.57 40.85 14.06
C VAL A 1091 11.38 41.67 14.55
N LEU A 1092 10.31 40.98 14.96
CA LEU A 1092 9.13 41.69 15.43
C LEU A 1092 9.44 42.49 16.70
N VAL A 1093 10.18 41.89 17.63
CA VAL A 1093 10.52 42.59 18.87
C VAL A 1093 11.36 43.83 18.57
N GLY A 1094 12.34 43.69 17.67
CA GLY A 1094 13.10 44.85 17.27
C GLY A 1094 12.22 45.94 16.68
N LEU A 1095 11.25 45.55 15.85
CA LEU A 1095 10.32 46.52 15.29
C LEU A 1095 9.54 47.23 16.40
N VAL A 1096 9.13 46.49 17.42
CA VAL A 1096 8.33 47.10 18.49
C VAL A 1096 9.17 48.10 19.28
N LEU A 1097 10.46 47.80 19.48
CA LEU A 1097 11.30 48.60 20.37
C LEU A 1097 11.73 49.90 19.68
N VAL A 1098 10.73 50.67 19.25
CA VAL A 1098 10.87 52.03 18.72
C VAL A 1098 12.13 52.24 17.89
N PRO A 1099 12.31 51.57 16.77
CA PRO A 1099 13.42 51.91 15.87
C PRO A 1099 13.11 53.19 15.12
N GLY A 1100 14.17 53.80 14.61
CA GLY A 1100 13.93 54.91 13.71
C GLY A 1100 13.80 54.53 12.25
N LEU A 1101 13.78 53.23 11.94
CA LEU A 1101 13.77 52.75 10.56
C LEU A 1101 12.76 51.63 10.40
N LEU A 1102 12.19 51.55 9.19
CA LEU A 1102 11.31 50.45 8.77
C LEU A 1102 9.95 50.51 9.44
N GLN A 1103 9.74 51.46 10.35
CA GLN A 1103 8.48 51.58 11.07
C GLN A 1103 7.70 52.84 10.67
N GLY A 1104 8.34 53.79 10.01
CA GLY A 1104 7.65 54.99 9.56
C GLY A 1104 7.18 54.90 8.12
N PRO A 1105 8.09 54.55 7.20
CA PRO A 1105 7.72 54.52 5.78
C PRO A 1105 6.70 53.46 5.42
N LEU A 1106 6.52 52.42 6.24
CA LEU A 1106 5.64 51.30 5.90
C LEU A 1106 4.32 51.35 6.64
N ALA A 1107 3.73 52.53 6.79
CA ALA A 1107 2.38 52.70 7.31
C ALA A 1107 2.27 52.29 8.78
N LEU A 1108 3.26 52.69 9.58
CA LEU A 1108 3.22 52.51 11.02
C LEU A 1108 3.56 53.82 11.70
N ARG A 1109 2.92 54.07 12.83
CA ARG A 1109 3.05 55.32 13.57
C ARG A 1109 3.91 55.10 14.81
N ASN A 1110 4.89 55.96 15.00
CA ASN A 1110 5.79 55.89 16.14
C ASN A 1110 5.23 56.65 17.34
N ILE A 1111 5.52 56.14 18.53
CA ILE A 1111 5.10 56.76 19.78
C ILE A 1111 6.32 56.93 20.67
N THR A 1112 6.49 58.13 21.22
CA THR A 1112 7.68 58.42 22.03
C THR A 1112 7.61 57.77 23.41
N ASP A 1113 6.41 57.61 23.96
CA ASP A 1113 6.28 57.03 25.29
C ASP A 1113 6.89 55.64 25.33
N THR A 1114 7.64 55.35 26.40
CA THR A 1114 8.34 54.09 26.53
C THR A 1114 7.44 53.01 27.11
N GLY A 1115 6.26 52.82 26.51
CA GLY A 1115 5.36 51.75 26.90
C GLY A 1115 5.57 50.45 26.18
N PHE A 1116 6.54 50.39 25.26
CA PHE A 1116 6.78 49.19 24.48
C PHE A 1116 7.32 48.06 25.35
N LYS A 1117 8.46 48.29 25.99
CA LYS A 1117 9.15 47.21 26.69
C LYS A 1117 8.37 46.76 27.92
N LEU A 1118 7.95 47.70 28.76
CA LEU A 1118 7.39 47.35 30.06
C LEU A 1118 5.97 46.82 29.94
N LEU A 1119 5.15 47.39 29.05
CA LEU A 1119 3.72 47.13 29.03
C LEU A 1119 3.27 46.32 27.82
N LEU A 1120 3.61 46.76 26.60
CA LEU A 1120 3.16 46.04 25.42
C LEU A 1120 3.78 44.65 25.35
N LEU A 1121 5.11 44.57 25.50
CA LEU A 1121 5.76 43.26 25.50
C LEU A 1121 5.37 42.45 26.73
N GLY A 1122 5.09 43.11 27.85
CA GLY A 1122 4.55 42.39 28.99
C GLY A 1122 3.23 41.72 28.68
N LEU A 1123 2.34 42.44 27.98
CA LEU A 1123 1.07 41.86 27.57
C LEU A 1123 1.28 40.71 26.59
N VAL A 1124 2.24 40.86 25.67
CA VAL A 1124 2.52 39.78 24.73
C VAL A 1124 2.99 38.54 25.47
N THR A 1125 3.89 38.71 26.45
CA THR A 1125 4.36 37.58 27.23
C THR A 1125 3.25 36.97 28.06
N LEU A 1126 2.35 37.81 28.58
CA LEU A 1126 1.19 37.31 29.32
C LEU A 1126 0.32 36.44 28.41
N ASN A 1127 0.10 36.89 27.18
CA ASN A 1127 -0.66 36.08 26.22
C ASN A 1127 0.04 34.76 25.95
N PHE A 1128 1.36 34.81 25.75
CA PHE A 1128 2.13 33.60 25.49
C PHE A 1128 1.96 32.59 26.62
N VAL A 1129 2.21 33.03 27.86
CA VAL A 1129 2.16 32.13 29.01
C VAL A 1129 0.74 31.62 29.21
N GLY A 1130 -0.27 32.49 29.06
CA GLY A 1130 -1.64 32.06 29.22
C GLY A 1130 -2.04 31.03 28.20
N ALA A 1131 -1.67 31.24 26.94
CA ALA A 1131 -2.00 30.28 25.90
C ALA A 1131 -1.35 28.93 26.16
N PHE A 1132 -0.07 28.94 26.55
CA PHE A 1132 0.60 27.67 26.82
C PHE A 1132 0.03 26.97 28.05
N MET A 1133 -0.26 27.71 29.12
CA MET A 1133 -0.86 27.08 30.30
C MET A 1133 -2.24 26.50 29.97
N LEU A 1134 -3.04 27.23 29.20
CA LEU A 1134 -4.35 26.74 28.81
C LEU A 1134 -4.23 25.49 27.94
N GLU A 1135 -3.28 25.51 27.00
CA GLU A 1135 -3.06 24.35 26.14
C GLU A 1135 -2.63 23.13 26.96
N SER A 1136 -1.78 23.35 27.97
CA SER A 1136 -1.40 22.26 28.86
C SER A 1136 -2.59 21.74 29.64
N VAL A 1137 -3.42 22.63 30.18
CA VAL A 1137 -4.58 22.20 30.96
C VAL A 1137 -5.53 21.38 30.09
N LEU A 1138 -5.77 21.84 28.87
CA LEU A 1138 -6.67 21.12 27.96
C LEU A 1138 -6.05 19.81 27.50
N ASP A 1139 -4.73 19.77 27.34
CA ASP A 1139 -4.07 18.51 26.99
C ASP A 1139 -4.32 17.45 28.05
N GLN A 1140 -4.19 17.82 29.32
CA GLN A 1140 -4.46 16.89 30.41
C GLN A 1140 -5.88 16.34 30.29
N CYS A 1141 -6.10 15.22 30.97
CA CYS A 1141 -7.33 14.45 30.81
C CYS A 1141 -8.58 15.14 31.40
N LEU A 1142 -8.57 16.40 31.85
CA LEU A 1142 -9.80 16.98 32.40
C LEU A 1142 -10.92 17.05 31.37
N PRO A 1143 -10.72 17.59 30.17
CA PRO A 1143 -11.85 17.65 29.22
C PRO A 1143 -12.39 16.29 28.86
N ALA A 1144 -11.53 15.28 28.76
CA ALA A 1144 -11.99 13.95 28.38
C ALA A 1144 -12.72 13.27 29.53
N CYS A 1145 -12.22 13.43 30.77
CA CYS A 1145 -12.85 12.78 31.91
C CYS A 1145 -14.27 13.30 32.12
N LEU A 1146 -14.47 14.61 31.93
CA LEU A 1146 -15.81 15.16 32.04
C LEU A 1146 -16.75 14.55 31.02
N ARG A 1147 -16.25 14.35 29.79
CA ARG A 1147 -17.06 13.70 28.75
C ARG A 1147 -17.38 12.25 29.09
N ARG A 1148 -16.63 11.65 30.02
CA ARG A 1148 -16.90 10.27 30.43
C ARG A 1148 -18.23 10.11 31.18
N LEU A 1149 -18.86 11.20 31.59
CA LEU A 1149 -20.09 11.13 32.36
C LEU A 1149 -21.29 11.46 31.48
N ARG A 1150 -22.37 10.69 31.63
CA ARG A 1150 -22.51 9.50 32.47
C ARG A 1150 -21.91 8.27 31.78
N PRO A 1151 -22.23 8.04 30.51
CA PRO A 1151 -21.65 6.90 29.80
C PRO A 1151 -20.33 7.27 29.12
N LYS A 1152 -19.72 6.25 28.50
CA LYS A 1152 -18.45 6.42 27.80
C LYS A 1152 -18.54 6.12 26.30
N ARG A 1153 -19.52 5.34 25.86
CA ARG A 1153 -19.58 4.93 24.47
C ARG A 1153 -19.71 6.15 23.56
N ALA A 1154 -19.03 6.08 22.42
CA ALA A 1154 -19.06 7.12 21.40
C ALA A 1154 -19.88 6.64 20.20
N SER A 1155 -19.93 7.48 19.16
CA SER A 1155 -20.71 7.19 17.97
C SER A 1155 -19.97 6.34 16.95
N LYS A 1156 -18.67 6.12 17.13
CA LYS A 1156 -17.90 5.31 16.19
C LYS A 1156 -18.45 3.88 16.16
N LYS A 1157 -18.64 3.36 14.95
CA LYS A 1157 -19.26 2.04 14.79
C LYS A 1157 -18.32 0.90 15.16
N ARG A 1158 -17.00 1.13 15.15
CA ARG A 1158 -16.07 0.08 15.53
C ARG A 1158 -16.30 -0.37 16.97
N PHE A 1159 -16.77 0.53 17.82
CA PHE A 1159 -17.07 0.16 19.20
C PHE A 1159 -18.20 -0.87 19.27
N LYS A 1160 -19.14 -0.82 18.33
CA LYS A 1160 -20.21 -1.80 18.32
C LYS A 1160 -19.67 -3.20 18.15
N GLN A 1161 -18.71 -3.39 17.25
CA GLN A 1161 -18.08 -4.71 17.08
C GLN A 1161 -17.13 -5.03 18.22
N LEU A 1162 -16.44 -4.02 18.76
CA LEU A 1162 -15.52 -4.27 19.86
C LEU A 1162 -16.25 -4.77 21.10
N GLU A 1163 -17.44 -4.23 21.38
CA GLU A 1163 -18.20 -4.65 22.54
C GLU A 1163 -18.57 -6.13 22.46
N ARG A 1164 -18.66 -6.68 21.24
CA ARG A 1164 -19.00 -8.10 21.10
C ARG A 1164 -17.93 -8.98 21.73
N GLU A 1165 -16.68 -8.51 21.76
CA GLU A 1165 -15.62 -9.27 22.43
C GLU A 1165 -15.93 -9.47 23.90
N LEU A 1166 -16.57 -8.48 24.54
CA LEU A 1166 -16.97 -8.64 25.93
C LEU A 1166 -17.99 -9.77 26.09
N ALA A 1167 -18.95 -9.86 25.17
CA ALA A 1167 -19.92 -10.95 25.22
C ALA A 1167 -19.30 -12.28 24.81
N GLU A 1168 -18.31 -12.25 23.90
CA GLU A 1168 -17.66 -13.47 23.45
C GLU A 1168 -16.60 -13.97 24.42
N GLN A 1169 -16.29 -13.20 25.46
CA GLN A 1169 -15.29 -13.59 26.45
C GLN A 1169 -15.78 -13.32 27.86
PG ATP B . 6.60 -21.02 6.02
O1G ATP B . 6.65 -19.97 4.98
O2G ATP B . 5.54 -20.76 7.03
O3G ATP B . 7.92 -21.46 6.52
PB ATP B . 7.18 -23.10 4.39
O1B ATP B . 8.31 -23.65 5.19
O2B ATP B . 7.40 -22.20 3.23
O3B ATP B . 6.14 -22.37 5.33
PA ATP B . 5.34 -24.14 2.60
O1A ATP B . 6.05 -23.64 1.38
O2A ATP B . 4.04 -23.52 3.01
O3A ATP B . 6.36 -24.31 3.81
O5' ATP B . 5.03 -25.69 2.45
C5' ATP B . 4.78 -26.36 3.68
C4' ATP B . 5.59 -27.63 3.76
O4' ATP B . 6.56 -27.70 2.74
C3' ATP B . 6.40 -27.71 5.01
O3' ATP B . 5.84 -28.72 5.80
C2' ATP B . 7.73 -28.19 4.59
O2' ATP B . 8.15 -29.27 5.39
C1' ATP B . 7.37 -28.73 3.25
N9 ATP B . 8.55 -29.02 2.44
C8 ATP B . 9.52 -29.84 2.82
N7 ATP B . 10.45 -29.95 1.86
C5 ATP B . 10.05 -29.21 0.83
C6 ATP B . 10.58 -28.91 -0.48
N6 ATP B . 11.75 -29.44 -0.89
N1 ATP B . 9.87 -28.09 -1.24
C2 ATP B . 8.73 -27.56 -0.82
N3 ATP B . 8.18 -27.80 0.36
C4 ATP B . 8.79 -28.60 1.22
MG MG C . 8.56 -17.65 4.62
#